data_7RRX
#
_entry.id   7RRX
#
_cell.length_a   53.776
_cell.length_b   58.750
_cell.length_c   94.438
_cell.angle_alpha   86.910
_cell.angle_beta   74.810
_cell.angle_gamma   62.770
#
_symmetry.space_group_name_H-M   'P 1'
#
loop_
_entity.id
_entity.type
_entity.pdbx_description
1 polymer 'Estrogen receptor'
2 non-polymer (1S,2R,4S)-5,6-bis(4-hydroxyphenyl)-N-{4-[2-(piperidin-1-yl)ethoxy]phenyl}-N-(2,2,2-trifluoroethyl)-7-oxabicyclo[2.2.1]hept-5-ene-2-sulfonamide
3 non-polymer 'CHLORIDE ION'
4 water water
#
_entity_poly.entity_id   1
_entity_poly.type   'polypeptide(L)'
_entity_poly.pdbx_seq_one_letter_code
;IKRSKKNSLALSLTADQMVSALLDAEPPILYSEYDPTRPFSEASMMGLLTNLADRELVHMINWAKRVPGFVDLTSHDQVH
LLE(YCM)AWLEILMIGLVWRSMEHPGKLLFAPNLLLDRNQGKCVEGMVEIFDMLLATSSRFRMMNLQGEEFVCLKSIIL
LNSGVYTFLSSTLKSLEEKDHIHRVLDKITDTLIHLMAKAGLTLQQQHQRLAQLLLILSHIRHMSNKGMEHLYSMKCKNV
VPSYDLLLEMLDAHRLHAPTS
;
_entity_poly.pdbx_strand_id   A,B,C,D
#
loop_
_chem_comp.id
_chem_comp.type
_chem_comp.name
_chem_comp.formula
7AI non-polymer (1S,2R,4S)-5,6-bis(4-hydroxyphenyl)-N-{4-[2-(piperidin-1-yl)ethoxy]phenyl}-N-(2,2,2-trifluoroethyl)-7-oxabicyclo[2.2.1]hept-5-ene-2-sulfonamide 'C33 H35 F3 N2 O6 S'
CL non-polymer 'CHLORIDE ION' 'Cl -1'
#
# COMPACT_ATOMS: atom_id res chain seq x y z
N ALA A 10 22.62 22.67 -3.39
CA ALA A 10 21.33 23.34 -3.78
C ALA A 10 21.07 24.64 -3.02
N LEU A 11 21.33 24.64 -1.70
CA LEU A 11 21.14 25.83 -0.88
C LEU A 11 22.18 26.92 -1.16
N SER A 12 23.22 26.59 -1.95
CA SER A 12 24.25 27.57 -2.31
C SER A 12 24.00 28.19 -3.69
N LEU A 13 22.99 27.71 -4.42
CA LEU A 13 22.61 28.31 -5.70
C LEU A 13 22.06 29.72 -5.47
N THR A 14 22.43 30.64 -6.36
CA THR A 14 21.78 31.94 -6.45
C THR A 14 20.43 31.78 -7.13
N ALA A 15 19.60 32.83 -7.08
CA ALA A 15 18.30 32.86 -7.75
C ALA A 15 18.44 32.56 -9.24
N ASP A 16 19.37 33.26 -9.91
CA ASP A 16 19.62 33.05 -11.34
C ASP A 16 20.05 31.62 -11.68
N GLN A 17 20.93 31.04 -10.84
CA GLN A 17 21.36 29.64 -10.99
C GLN A 17 20.21 28.65 -10.80
N MET A 18 19.32 28.92 -9.85
CA MET A 18 18.14 28.12 -9.58
C MET A 18 17.23 28.10 -10.82
N VAL A 19 16.99 29.29 -11.39
CA VAL A 19 16.14 29.41 -12.56
C VAL A 19 16.78 28.65 -13.72
N SER A 20 18.08 28.87 -13.93
CA SER A 20 18.81 28.21 -15.01
C SER A 20 18.69 26.68 -14.91
N ALA A 21 18.92 26.13 -13.72
CA ALA A 21 18.84 24.69 -13.47
C ALA A 21 17.44 24.15 -13.78
N LEU A 22 16.43 24.88 -13.32
CA LEU A 22 15.05 24.47 -13.52
C LEU A 22 14.67 24.52 -15.00
N LEU A 23 15.03 25.60 -15.70
CA LEU A 23 14.74 25.69 -17.13
C LEU A 23 15.42 24.56 -17.90
N ASP A 24 16.68 24.27 -17.57
CA ASP A 24 17.42 23.20 -18.23
C ASP A 24 16.83 21.81 -17.97
N ALA A 25 16.13 21.65 -16.84
CA ALA A 25 15.57 20.37 -16.40
C ALA A 25 14.21 20.06 -17.07
N GLU A 26 13.63 21.07 -17.74
CA GLU A 26 12.26 20.97 -18.24
C GLU A 26 12.10 19.73 -19.10
N PRO A 27 11.02 18.94 -18.93
CA PRO A 27 10.83 17.74 -19.75
C PRO A 27 10.38 18.12 -21.16
N PRO A 28 10.47 17.20 -22.14
CA PRO A 28 9.95 17.44 -23.47
C PRO A 28 8.43 17.42 -23.45
N ILE A 29 7.83 18.07 -24.44
CA ILE A 29 6.39 17.98 -24.65
C ILE A 29 6.20 16.75 -25.54
N LEU A 30 5.45 15.76 -25.03
CA LEU A 30 5.16 14.55 -25.78
C LEU A 30 3.91 14.64 -26.66
N TYR A 31 3.82 13.73 -27.63
CA TYR A 31 2.67 13.58 -28.49
C TYR A 31 1.77 12.50 -28.04
N SER A 32 0.48 12.68 -28.32
CA SER A 32 -0.49 11.60 -28.14
C SER A 32 -0.22 10.47 -29.14
N GLU A 33 -0.71 9.27 -28.84
CA GLU A 33 -0.77 8.19 -29.82
C GLU A 33 -1.29 8.74 -31.14
N TYR A 34 -0.47 8.67 -32.18
CA TYR A 34 -0.79 9.27 -33.47
C TYR A 34 -1.96 8.58 -34.15
N ASP A 35 -2.75 9.37 -34.87
CA ASP A 35 -3.94 8.91 -35.61
C ASP A 35 -4.85 7.91 -34.90
N PRO A 36 -5.39 8.25 -33.71
CA PRO A 36 -6.40 7.40 -33.08
C PRO A 36 -7.73 7.49 -33.81
N THR A 37 -8.62 6.53 -33.54
CA THR A 37 -10.02 6.57 -33.98
C THR A 37 -10.69 7.87 -33.52
N ARG A 38 -11.28 8.59 -34.47
CA ARG A 38 -12.09 9.77 -34.16
C ARG A 38 -13.39 9.65 -34.94
N PRO A 39 -14.57 9.90 -34.32
CA PRO A 39 -14.67 10.43 -32.95
C PRO A 39 -14.24 9.43 -31.87
N PHE A 40 -13.91 9.96 -30.69
CA PHE A 40 -13.53 9.17 -29.52
C PHE A 40 -14.74 8.53 -28.82
N SER A 41 -14.51 7.38 -28.19
CA SER A 41 -15.37 6.85 -27.12
C SER A 41 -14.77 7.32 -25.79
N GLU A 42 -15.52 7.19 -24.69
CA GLU A 42 -14.99 7.45 -23.35
C GLU A 42 -13.75 6.59 -23.08
N ALA A 43 -13.85 5.31 -23.46
CA ALA A 43 -12.75 4.34 -23.31
C ALA A 43 -11.52 4.69 -24.11
N SER A 44 -11.68 5.07 -25.38
CA SER A 44 -10.55 5.40 -26.25
C SER A 44 -9.85 6.70 -25.82
N MET A 45 -10.61 7.73 -25.46
CA MET A 45 -10.04 8.96 -24.92
C MET A 45 -9.22 8.65 -23.67
N MET A 46 -9.83 7.91 -22.74
CA MET A 46 -9.15 7.56 -21.49
C MET A 46 -7.87 6.77 -21.75
N GLY A 47 -7.95 5.82 -22.71
CA GLY A 47 -6.78 5.07 -23.17
C GLY A 47 -5.64 5.92 -23.68
N LEU A 48 -5.99 6.93 -24.49
CA LEU A 48 -5.01 7.87 -25.02
C LEU A 48 -4.37 8.69 -23.90
N LEU A 49 -5.19 9.14 -22.95
CA LEU A 49 -4.71 9.99 -21.88
C LEU A 49 -3.81 9.18 -20.92
N THR A 50 -4.18 7.93 -20.68
CA THR A 50 -3.36 7.02 -19.87
C THR A 50 -2.00 6.81 -20.53
N ASN A 51 -2.01 6.54 -21.84
CA ASN A 51 -0.79 6.27 -22.59
C ASN A 51 0.15 7.45 -22.56
N LEU A 52 -0.42 8.66 -22.77
CA LEU A 52 0.31 9.91 -22.66
C LEU A 52 0.93 10.10 -21.25
N ALA A 53 0.08 10.05 -20.22
CA ALA A 53 0.49 10.25 -18.84
C ALA A 53 1.64 9.31 -18.46
N ASP A 54 1.49 8.02 -18.79
CA ASP A 54 2.51 7.02 -18.48
C ASP A 54 3.86 7.33 -19.11
N ARG A 55 3.84 7.80 -20.36
CA ARG A 55 5.06 8.23 -21.06
C ARG A 55 5.64 9.49 -20.43
N GLU A 56 4.77 10.46 -20.07
CA GLU A 56 5.21 11.67 -19.36
C GLU A 56 5.87 11.40 -18.00
N LEU A 57 5.41 10.35 -17.34
CA LEU A 57 5.89 10.03 -16.01
C LEU A 57 7.39 9.73 -16.00
N VAL A 58 7.89 9.01 -17.01
CA VAL A 58 9.31 8.67 -17.13
C VAL A 58 10.19 9.94 -17.12
N HIS A 59 9.73 10.93 -17.91
CA HIS A 59 10.39 12.20 -18.08
C HIS A 59 10.28 13.08 -16.85
N MET A 60 9.14 12.97 -16.14
CA MET A 60 8.93 13.66 -14.87
C MET A 60 9.98 13.23 -13.82
N ILE A 61 10.25 11.92 -13.77
CA ILE A 61 11.28 11.39 -12.87
C ILE A 61 12.66 12.00 -13.16
N ASN A 62 13.02 12.07 -14.45
CA ASN A 62 14.25 12.68 -14.89
C ASN A 62 14.31 14.15 -14.47
N TRP A 63 13.17 14.83 -14.63
CA TRP A 63 13.01 16.23 -14.22
C TRP A 63 13.17 16.39 -12.68
N ALA A 64 12.48 15.52 -11.93
CA ALA A 64 12.48 15.56 -10.47
C ALA A 64 13.90 15.44 -9.95
N LYS A 65 14.66 14.51 -10.53
CA LYS A 65 16.05 14.26 -10.11
C LYS A 65 16.96 15.47 -10.27
N ARG A 66 16.53 16.43 -11.11
CA ARG A 66 17.28 17.67 -11.40
C ARG A 66 16.76 18.90 -10.66
N VAL A 67 15.65 18.76 -9.93
CA VAL A 67 15.14 19.85 -9.11
C VAL A 67 16.07 19.94 -7.91
N PRO A 68 16.77 21.08 -7.73
CA PRO A 68 17.76 21.19 -6.65
C PRO A 68 17.17 20.74 -5.30
N GLY A 69 17.92 19.91 -4.59
CA GLY A 69 17.48 19.46 -3.28
C GLY A 69 16.79 18.11 -3.27
N PHE A 70 16.18 17.73 -4.39
CA PHE A 70 15.41 16.49 -4.49
C PHE A 70 16.25 15.26 -4.27
N VAL A 71 17.43 15.22 -4.89
CA VAL A 71 18.29 14.00 -4.73
C VAL A 71 18.96 13.90 -3.38
N ASP A 72 18.92 14.98 -2.60
CA ASP A 72 19.42 14.95 -1.22
C ASP A 72 18.54 14.11 -0.28
N LEU A 73 17.32 13.78 -0.75
CA LEU A 73 16.36 13.03 0.02
C LEU A 73 16.62 11.55 -0.19
N THR A 74 16.16 10.71 0.75
CA THR A 74 16.15 9.29 0.55
C THR A 74 15.27 8.89 -0.65
N SER A 75 15.51 7.69 -1.20
CA SER A 75 14.70 7.15 -2.29
C SER A 75 13.24 7.02 -1.84
N HIS A 76 13.04 6.54 -0.59
CA HIS A 76 11.69 6.44 -0.02
C HIS A 76 10.94 7.78 -0.05
N ASP A 77 11.62 8.82 0.42
CA ASP A 77 11.02 10.14 0.53
C ASP A 77 10.82 10.70 -0.86
N GLN A 78 11.71 10.36 -1.79
CA GLN A 78 11.54 10.88 -3.18
C GLN A 78 10.25 10.27 -3.79
N VAL A 79 10.05 8.97 -3.56
CA VAL A 79 8.86 8.27 -4.04
C VAL A 79 7.61 8.86 -3.38
N HIS A 80 7.68 9.14 -2.07
CA HIS A 80 6.52 9.67 -1.37
C HIS A 80 6.08 11.02 -2.03
N LEU A 81 7.06 11.89 -2.25
CA LEU A 81 6.77 13.19 -2.87
C LEU A 81 6.14 12.99 -4.24
N LEU A 82 6.72 12.13 -5.06
CA LEU A 82 6.20 11.85 -6.39
C LEU A 82 4.78 11.24 -6.34
N GLU A 83 4.55 10.31 -5.42
CA GLU A 83 3.21 9.73 -5.26
C GLU A 83 2.14 10.82 -5.03
N YCM A 84 2.49 11.80 -4.19
CA YCM A 84 1.55 12.83 -3.80
CB YCM A 84 2.00 13.50 -2.50
SG YCM A 84 1.92 12.48 -1.00
CD YCM A 84 0.17 12.59 -0.54
CE YCM A 84 -0.24 14.02 -0.20
OZ1 YCM A 84 -0.87 14.67 -1.02
NZ2 YCM A 84 0.09 14.50 0.98
C YCM A 84 1.39 13.86 -4.91
O YCM A 84 0.33 14.49 -5.00
N ALA A 85 2.43 14.09 -5.72
CA ALA A 85 2.47 15.25 -6.64
C ALA A 85 2.22 15.00 -8.15
N TRP A 86 2.33 13.73 -8.56
CA TRP A 86 2.49 13.39 -10.00
C TRP A 86 1.33 13.99 -10.83
N LEU A 87 0.09 13.84 -10.36
CA LEU A 87 -1.05 14.30 -11.16
C LEU A 87 -1.13 15.82 -11.19
N GLU A 88 -0.88 16.43 -10.03
CA GLU A 88 -0.75 17.89 -9.93
C GLU A 88 0.31 18.42 -10.88
N ILE A 89 1.44 17.72 -10.99
CA ILE A 89 2.52 18.12 -11.89
C ILE A 89 2.11 17.97 -13.35
N LEU A 90 1.44 16.86 -13.67
CA LEU A 90 0.95 16.67 -15.02
C LEU A 90 -0.04 17.80 -15.39
N MET A 91 -0.88 18.19 -14.42
CA MET A 91 -1.94 19.16 -14.63
C MET A 91 -1.44 20.59 -14.77
N ILE A 92 -0.43 20.97 -13.98
CA ILE A 92 0.09 22.33 -14.14
C ILE A 92 0.80 22.46 -15.50
N GLY A 93 1.45 21.39 -15.95
CA GLY A 93 2.00 21.26 -17.30
C GLY A 93 0.94 21.50 -18.36
N LEU A 94 -0.19 20.79 -18.22
CA LEU A 94 -1.33 20.90 -19.11
C LEU A 94 -1.83 22.36 -19.20
N VAL A 95 -2.06 22.97 -18.03
CA VAL A 95 -2.56 24.36 -17.98
C VAL A 95 -1.54 25.32 -18.62
N TRP A 96 -0.26 25.15 -18.29
CA TRP A 96 0.80 25.96 -18.92
C TRP A 96 0.81 25.85 -20.47
N ARG A 97 0.73 24.63 -21.00
CA ARG A 97 0.74 24.36 -22.44
C ARG A 97 -0.49 24.96 -23.11
N SER A 98 -1.60 25.05 -22.35
CA SER A 98 -2.87 25.50 -22.92
C SER A 98 -3.11 27.00 -22.87
N MET A 99 -2.19 27.74 -22.25
CA MET A 99 -2.38 29.18 -22.00
C MET A 99 -2.70 29.98 -23.24
N GLU A 100 -2.00 29.67 -24.34
CA GLU A 100 -2.07 30.44 -25.56
C GLU A 100 -3.15 29.90 -26.52
N HIS A 101 -4.05 29.06 -25.98
CA HIS A 101 -5.10 28.35 -26.72
C HIS A 101 -6.42 28.53 -25.98
N PRO A 102 -7.03 29.74 -26.02
CA PRO A 102 -8.25 30.00 -25.25
C PRO A 102 -9.36 29.00 -25.60
N GLY A 103 -10.09 28.54 -24.58
CA GLY A 103 -11.16 27.57 -24.73
C GLY A 103 -10.76 26.13 -25.02
N LYS A 104 -9.45 25.82 -25.01
CA LYS A 104 -8.97 24.47 -25.31
C LYS A 104 -7.88 24.04 -24.34
N LEU A 105 -7.76 22.71 -24.19
CA LEU A 105 -6.70 22.07 -23.44
C LEU A 105 -5.79 21.32 -24.42
N LEU A 106 -4.51 21.71 -24.44
CA LEU A 106 -3.48 21.12 -25.27
C LEU A 106 -2.86 19.98 -24.50
N PHE A 107 -3.53 18.82 -24.53
CA PHE A 107 -2.98 17.60 -23.86
C PHE A 107 -1.66 17.22 -24.52
N ALA A 108 -1.62 17.37 -25.85
CA ALA A 108 -0.42 17.23 -26.65
C ALA A 108 -0.63 18.05 -27.91
N PRO A 109 0.42 18.37 -28.69
CA PRO A 109 0.25 19.18 -29.89
C PRO A 109 -0.76 18.60 -30.90
N ASN A 110 -0.93 17.27 -30.88
CA ASN A 110 -1.85 16.53 -31.73
C ASN A 110 -3.08 16.05 -30.96
N LEU A 111 -3.31 16.59 -29.75
CA LEU A 111 -4.50 16.27 -28.96
C LEU A 111 -4.96 17.54 -28.24
N LEU A 112 -5.68 18.36 -28.99
CA LEU A 112 -6.11 19.70 -28.57
C LEU A 112 -7.61 19.69 -28.55
N LEU A 113 -8.19 19.72 -27.34
CA LEU A 113 -9.62 19.50 -27.14
C LEU A 113 -10.34 20.71 -26.59
N ASP A 114 -11.51 21.01 -27.17
CA ASP A 114 -12.42 22.03 -26.66
C ASP A 114 -13.36 21.35 -25.66
N ARG A 115 -14.15 22.16 -24.96
CA ARG A 115 -15.08 21.63 -23.94
C ARG A 115 -16.06 20.59 -24.51
N ASN A 116 -16.56 20.80 -25.73
CA ASN A 116 -17.43 19.81 -26.37
C ASN A 116 -16.85 18.40 -26.34
N GLN A 117 -15.56 18.28 -26.68
CA GLN A 117 -14.83 17.00 -26.64
C GLN A 117 -14.59 16.45 -25.22
N GLY A 118 -14.49 17.36 -24.24
CA GLY A 118 -14.40 16.98 -22.83
C GLY A 118 -15.60 16.16 -22.38
N LYS A 119 -16.78 16.51 -22.90
CA LYS A 119 -18.04 15.83 -22.59
C LYS A 119 -18.03 14.33 -22.96
N CYS A 120 -17.04 13.91 -23.76
CA CYS A 120 -16.94 12.54 -24.24
C CYS A 120 -16.77 11.52 -23.11
N VAL A 121 -16.09 11.93 -22.04
CA VAL A 121 -16.07 11.17 -20.79
C VAL A 121 -16.99 11.85 -19.80
N GLU A 122 -17.90 11.06 -19.22
CA GLU A 122 -18.93 11.55 -18.32
C GLU A 122 -18.33 12.15 -17.05
N GLY A 123 -18.87 13.31 -16.66
CA GLY A 123 -18.44 14.06 -15.49
C GLY A 123 -17.18 14.89 -15.66
N MET A 124 -16.50 14.72 -16.80
CA MET A 124 -15.18 15.31 -17.03
C MET A 124 -15.25 16.80 -17.33
N VAL A 125 -16.35 17.27 -17.90
CA VAL A 125 -16.45 18.65 -18.36
C VAL A 125 -16.29 19.64 -17.21
N GLU A 126 -16.80 19.28 -16.04
CA GLU A 126 -16.63 20.06 -14.80
C GLU A 126 -15.16 20.40 -14.52
N ILE A 127 -14.30 19.39 -14.54
CA ILE A 127 -12.88 19.60 -14.27
C ILE A 127 -12.18 20.24 -15.47
N PHE A 128 -12.57 19.83 -16.67
CA PHE A 128 -12.11 20.49 -17.89
C PHE A 128 -12.32 22.00 -17.77
N ASP A 129 -13.52 22.42 -17.36
CA ASP A 129 -13.85 23.84 -17.15
C ASP A 129 -12.93 24.49 -16.10
N MET A 130 -12.76 23.83 -14.95
CA MET A 130 -11.79 24.27 -13.94
C MET A 130 -10.35 24.48 -14.51
N LEU A 131 -9.90 23.56 -15.37
CA LEU A 131 -8.57 23.64 -15.95
C LEU A 131 -8.49 24.81 -16.92
N LEU A 132 -9.51 24.95 -17.76
CA LEU A 132 -9.62 26.09 -18.67
C LEU A 132 -9.56 27.40 -17.89
N ALA A 133 -10.29 27.46 -16.78
CA ALA A 133 -10.32 28.63 -15.91
C ALA A 133 -8.97 28.97 -15.36
N THR A 134 -8.24 27.96 -14.90
CA THR A 134 -6.87 28.11 -14.42
C THR A 134 -5.94 28.63 -15.50
N SER A 135 -6.10 28.10 -16.72
CA SER A 135 -5.28 28.46 -17.83
C SER A 135 -5.51 29.96 -18.19
N SER A 136 -6.78 30.38 -18.23
CA SER A 136 -7.11 31.79 -18.50
C SER A 136 -6.55 32.70 -17.40
N ARG A 137 -6.63 32.23 -16.15
CA ARG A 137 -6.07 32.97 -15.01
C ARG A 137 -4.55 33.18 -15.17
N PHE A 138 -3.80 32.13 -15.55
CA PHE A 138 -2.37 32.30 -15.83
C PHE A 138 -2.13 33.28 -16.99
N ARG A 139 -2.95 33.18 -18.04
CA ARG A 139 -2.81 34.08 -19.18
C ARG A 139 -3.01 35.55 -18.78
N MET A 140 -4.07 35.84 -18.01
CA MET A 140 -4.36 37.18 -17.53
C MET A 140 -3.29 37.77 -16.63
N MET A 141 -2.61 36.91 -15.87
CA MET A 141 -1.52 37.31 -15.00
C MET A 141 -0.16 37.44 -15.70
N ASN A 142 -0.09 36.97 -16.96
CA ASN A 142 1.13 36.99 -17.76
C ASN A 142 2.22 36.15 -17.08
N LEU A 143 1.82 34.96 -16.64
CA LEU A 143 2.72 34.01 -16.01
C LEU A 143 3.90 33.70 -16.92
N GLN A 144 5.10 33.88 -16.36
CA GLN A 144 6.33 33.71 -17.10
C GLN A 144 6.85 32.29 -16.94
N GLY A 145 7.57 31.81 -17.96
CA GLY A 145 8.13 30.46 -17.95
C GLY A 145 9.00 30.23 -16.72
N GLU A 146 9.76 31.27 -16.34
CA GLU A 146 10.63 31.20 -15.18
C GLU A 146 9.81 31.03 -13.88
N GLU A 147 8.63 31.65 -13.84
CA GLU A 147 7.70 31.50 -12.72
C GLU A 147 7.05 30.10 -12.71
N PHE A 148 6.59 29.66 -13.88
CA PHE A 148 6.04 28.31 -14.05
C PHE A 148 6.97 27.20 -13.47
N VAL A 149 8.26 27.23 -13.81
CA VAL A 149 9.16 26.14 -13.36
C VAL A 149 9.34 26.20 -11.85
N CYS A 150 9.39 27.40 -11.26
CA CYS A 150 9.40 27.57 -9.80
C CYS A 150 8.17 26.93 -9.14
N LEU A 151 7.00 27.15 -9.72
CA LEU A 151 5.74 26.67 -9.20
C LEU A 151 5.64 25.16 -9.25
N LYS A 152 6.11 24.58 -10.36
CA LYS A 152 6.02 23.14 -10.56
C LYS A 152 6.97 22.46 -9.57
N SER A 153 8.12 23.09 -9.33
CA SER A 153 9.08 22.59 -8.31
C SER A 153 8.52 22.67 -6.86
N ILE A 154 7.81 23.77 -6.53
CA ILE A 154 7.10 23.88 -5.27
C ILE A 154 6.10 22.72 -5.10
N ILE A 155 5.32 22.41 -6.14
CA ILE A 155 4.36 21.31 -6.07
C ILE A 155 5.08 20.00 -5.68
N LEU A 156 6.19 19.73 -6.37
CA LEU A 156 6.98 18.52 -6.10
C LEU A 156 7.37 18.43 -4.65
N LEU A 157 7.96 19.50 -4.12
CA LEU A 157 8.52 19.46 -2.76
C LEU A 157 7.47 19.61 -1.68
N ASN A 158 6.35 20.31 -1.98
CA ASN A 158 5.34 20.64 -0.97
C ASN A 158 4.25 19.60 -0.78
N SER A 159 3.77 18.99 -1.87
CA SER A 159 2.50 18.29 -1.84
C SER A 159 2.50 17.12 -0.84
N GLY A 160 3.67 16.49 -0.68
CA GLY A 160 3.86 15.33 0.17
C GLY A 160 4.57 15.59 1.48
N VAL A 161 4.98 16.84 1.73
CA VAL A 161 5.88 17.17 2.86
C VAL A 161 5.22 17.01 4.24
N TYR A 162 3.91 17.23 4.31
CA TYR A 162 3.13 17.22 5.54
C TYR A 162 2.57 15.85 5.85
N THR A 163 2.85 14.85 5.00
CA THR A 163 2.40 13.46 5.23
C THR A 163 3.52 12.43 5.32
N PHE A 164 4.77 12.87 5.57
CA PHE A 164 5.87 11.96 5.95
C PHE A 164 5.62 11.54 7.40
N LEU A 165 6.08 10.32 7.77
CA LEU A 165 6.39 10.02 9.16
C LEU A 165 7.48 11.01 9.65
N SER A 166 7.64 11.11 10.98
CA SER A 166 8.78 11.81 11.60
C SER A 166 9.44 10.92 12.65
N SER A 167 9.31 11.32 13.93
CA SER A 167 9.96 10.71 15.08
C SER A 167 11.50 10.75 15.01
N THR A 168 12.08 10.35 13.87
CA THR A 168 13.53 10.21 13.80
C THR A 168 14.22 11.55 13.53
N LEU A 169 15.47 11.67 13.98
CA LEU A 169 16.28 12.87 13.78
C LEU A 169 16.50 13.12 12.30
N LYS A 170 16.88 12.05 11.57
CA LYS A 170 17.07 12.16 10.12
C LYS A 170 15.81 12.64 9.42
N SER A 171 14.64 12.17 9.86
CA SER A 171 13.37 12.55 9.25
C SER A 171 13.06 14.02 9.47
N LEU A 172 13.36 14.50 10.69
CA LEU A 172 13.18 15.92 11.01
C LEU A 172 14.14 16.77 10.19
N GLU A 173 15.37 16.27 9.99
CA GLU A 173 16.34 16.97 9.14
C GLU A 173 15.93 16.95 7.68
N GLU A 174 15.29 15.85 7.24
CA GLU A 174 14.74 15.76 5.87
C GLU A 174 13.68 16.82 5.58
N LYS A 175 12.71 16.94 6.49
CA LYS A 175 11.65 17.94 6.38
C LYS A 175 12.23 19.35 6.43
N ASP A 176 13.18 19.57 7.35
CA ASP A 176 13.83 20.86 7.47
C ASP A 176 14.51 21.26 6.17
N HIS A 177 15.21 20.31 5.55
CA HIS A 177 15.91 20.53 4.29
C HIS A 177 14.93 20.91 3.17
N ILE A 178 13.84 20.14 3.06
CA ILE A 178 12.79 20.42 2.10
C ILE A 178 12.25 21.87 2.26
N HIS A 179 11.92 22.24 3.50
CA HIS A 179 11.45 23.60 3.79
C HIS A 179 12.47 24.67 3.41
N ARG A 180 13.75 24.41 3.65
CA ARG A 180 14.82 25.33 3.25
C ARG A 180 14.91 25.49 1.73
N VAL A 181 14.75 24.39 0.98
CA VAL A 181 14.78 24.44 -0.47
C VAL A 181 13.56 25.26 -0.93
N LEU A 182 12.40 24.99 -0.33
CA LEU A 182 11.17 25.72 -0.63
C LEU A 182 11.32 27.24 -0.43
N ASP A 183 11.96 27.64 0.66
CA ASP A 183 12.25 29.03 0.95
C ASP A 183 13.15 29.64 -0.13
N LYS A 184 14.14 28.87 -0.60
CA LYS A 184 15.02 29.31 -1.69
C LYS A 184 14.18 29.52 -2.96
N ILE A 185 13.21 28.63 -3.22
CA ILE A 185 12.40 28.79 -4.42
C ILE A 185 11.54 30.06 -4.29
N THR A 186 11.01 30.33 -3.09
CA THR A 186 10.29 31.58 -2.81
C THR A 186 11.17 32.80 -3.09
N ASP A 187 12.39 32.78 -2.54
CA ASP A 187 13.37 33.82 -2.81
C ASP A 187 13.54 34.04 -4.30
N THR A 188 13.61 32.94 -5.06
CA THR A 188 13.84 32.99 -6.49
C THR A 188 12.66 33.66 -7.20
N LEU A 189 11.44 33.28 -6.80
CA LEU A 189 10.21 33.86 -7.37
C LEU A 189 10.17 35.39 -7.15
N ILE A 190 10.50 35.80 -5.93
CA ILE A 190 10.56 37.22 -5.55
C ILE A 190 11.62 37.93 -6.37
N HIS A 191 12.80 37.30 -6.51
CA HIS A 191 13.88 37.83 -7.32
C HIS A 191 13.46 38.08 -8.76
N LEU A 192 12.75 37.12 -9.37
CA LEU A 192 12.27 37.25 -10.74
C LEU A 192 11.35 38.47 -10.83
N MET A 193 10.46 38.61 -9.85
CA MET A 193 9.53 39.75 -9.78
C MET A 193 10.23 41.11 -9.57
N ALA A 194 11.22 41.14 -8.67
CA ALA A 194 11.99 42.37 -8.44
C ALA A 194 12.77 42.76 -9.70
N LYS A 195 13.39 41.76 -10.35
CA LYS A 195 14.13 41.93 -11.59
C LYS A 195 13.22 42.48 -12.69
N ALA A 196 11.95 42.05 -12.70
CA ALA A 196 11.00 42.47 -13.74
C ALA A 196 10.49 43.89 -13.55
N GLY A 197 10.76 44.49 -12.39
CA GLY A 197 10.43 45.88 -12.10
C GLY A 197 9.23 46.07 -11.18
N LEU A 198 8.73 44.98 -10.58
CA LEU A 198 7.54 45.06 -9.72
C LEU A 198 7.90 45.72 -8.40
N THR A 199 6.98 46.53 -7.84
CA THR A 199 7.19 47.13 -6.53
C THR A 199 7.15 45.99 -5.50
N LEU A 200 7.67 46.27 -4.32
CA LEU A 200 7.63 45.32 -3.21
C LEU A 200 6.19 44.85 -2.92
N GLN A 201 5.23 45.77 -2.94
CA GLN A 201 3.82 45.42 -2.69
C GLN A 201 3.31 44.53 -3.81
N GLN A 202 3.64 44.87 -5.07
CA GLN A 202 3.27 44.02 -6.21
C GLN A 202 3.87 42.59 -6.13
N GLN A 203 5.12 42.51 -5.65
CA GLN A 203 5.80 41.23 -5.51
C GLN A 203 5.09 40.32 -4.56
N HIS A 204 4.73 40.86 -3.39
CA HIS A 204 4.11 40.02 -2.34
C HIS A 204 2.70 39.61 -2.81
N GLN A 205 2.01 40.53 -3.49
CA GLN A 205 0.68 40.24 -4.02
C GLN A 205 0.72 39.16 -5.07
N ARG A 206 1.70 39.23 -5.99
CA ARG A 206 1.79 38.29 -7.12
C ARG A 206 2.23 36.92 -6.58
N LEU A 207 3.15 36.92 -5.62
CA LEU A 207 3.54 35.68 -4.94
C LEU A 207 2.33 34.95 -4.36
N ALA A 208 1.48 35.70 -3.64
CA ALA A 208 0.29 35.15 -2.98
C ALA A 208 -0.70 34.67 -4.05
N GLN A 209 -0.90 35.46 -5.11
CA GLN A 209 -1.84 35.05 -6.16
C GLN A 209 -1.42 33.69 -6.77
N LEU A 210 -0.13 33.52 -7.05
CA LEU A 210 0.37 32.34 -7.70
C LEU A 210 0.23 31.10 -6.76
N LEU A 211 0.56 31.30 -5.50
CA LEU A 211 0.48 30.21 -4.54
C LEU A 211 -0.96 29.81 -4.21
N LEU A 212 -1.89 30.76 -4.20
CA LEU A 212 -3.32 30.48 -4.04
C LEU A 212 -3.89 29.67 -5.20
N ILE A 213 -3.38 29.92 -6.42
CA ILE A 213 -3.77 29.12 -7.59
C ILE A 213 -3.34 27.65 -7.41
N LEU A 214 -2.22 27.43 -6.70
CA LEU A 214 -1.77 26.11 -6.30
C LEU A 214 -2.80 25.31 -5.50
N SER A 215 -3.58 25.97 -4.63
CA SER A 215 -4.65 25.30 -3.89
C SER A 215 -5.70 24.78 -4.88
N HIS A 216 -5.97 25.55 -5.93
CA HIS A 216 -6.96 25.14 -6.94
C HIS A 216 -6.46 23.97 -7.76
N ILE A 217 -5.16 23.99 -8.07
CA ILE A 217 -4.51 22.87 -8.75
C ILE A 217 -4.57 21.58 -7.93
N ARG A 218 -4.42 21.70 -6.61
CA ARG A 218 -4.49 20.55 -5.71
C ARG A 218 -5.93 20.05 -5.80
N HIS A 219 -6.90 20.96 -5.69
CA HIS A 219 -8.33 20.63 -5.77
C HIS A 219 -8.63 19.81 -7.03
N MET A 220 -8.22 20.35 -8.19
CA MET A 220 -8.44 19.68 -9.46
C MET A 220 -7.74 18.31 -9.52
N SER A 221 -6.53 18.24 -8.98
CA SER A 221 -5.80 16.98 -8.85
C SER A 221 -6.58 15.97 -8.05
N ASN A 222 -7.17 16.39 -6.93
CA ASN A 222 -7.91 15.47 -6.05
C ASN A 222 -9.13 14.94 -6.80
N LYS A 223 -9.81 15.84 -7.53
CA LYS A 223 -10.99 15.45 -8.30
C LYS A 223 -10.61 14.48 -9.43
N GLY A 224 -9.50 14.79 -10.12
CA GLY A 224 -8.94 13.96 -11.17
C GLY A 224 -8.54 12.57 -10.65
N MET A 225 -7.94 12.54 -9.46
CA MET A 225 -7.51 11.31 -8.80
C MET A 225 -8.71 10.43 -8.47
N GLU A 226 -9.80 11.05 -8.01
CA GLU A 226 -11.03 10.33 -7.69
C GLU A 226 -11.60 9.66 -8.95
N HIS A 227 -11.34 10.23 -10.13
CA HIS A 227 -11.75 9.58 -11.37
C HIS A 227 -10.85 8.37 -11.72
N LEU A 228 -9.52 8.58 -11.68
CA LEU A 228 -8.55 7.52 -11.96
C LEU A 228 -8.78 6.29 -11.06
N TYR A 229 -9.04 6.52 -9.78
CA TYR A 229 -9.38 5.42 -8.84
C TYR A 229 -10.77 4.81 -9.10
N SER A 230 -11.70 5.60 -9.66
CA SER A 230 -13.01 5.08 -10.07
C SER A 230 -12.91 4.13 -11.26
N VAL A 236 -4.24 2.40 -13.15
CA VAL A 236 -3.77 3.62 -13.82
C VAL A 236 -2.73 4.40 -12.99
N VAL A 237 -2.93 4.45 -11.66
CA VAL A 237 -2.10 5.26 -10.76
C VAL A 237 -0.74 4.58 -10.61
N PRO A 238 0.40 5.29 -10.84
CA PRO A 238 1.71 4.66 -10.73
C PRO A 238 1.96 4.17 -9.31
N SER A 239 2.52 2.95 -9.20
CA SER A 239 2.68 2.30 -7.89
C SER A 239 3.96 2.75 -7.24
N TYR A 240 4.03 2.61 -5.92
CA TYR A 240 5.25 2.86 -5.19
C TYR A 240 6.43 2.19 -5.88
N ASP A 241 6.26 0.89 -6.21
CA ASP A 241 7.32 0.10 -6.86
C ASP A 241 7.76 0.62 -8.23
N LEU A 242 6.79 1.00 -9.07
CA LEU A 242 7.10 1.56 -10.40
C LEU A 242 7.97 2.82 -10.25
N LEU A 243 7.53 3.71 -9.35
CA LEU A 243 8.22 4.99 -9.09
C LEU A 243 9.64 4.77 -8.57
N LEU A 244 9.78 3.78 -7.66
CA LEU A 244 11.08 3.48 -7.09
C LEU A 244 12.05 2.95 -8.16
N GLU A 245 11.57 2.01 -8.97
CA GLU A 245 12.34 1.47 -10.10
C GLU A 245 12.75 2.58 -11.11
N MET A 246 11.82 3.49 -11.43
CA MET A 246 12.13 4.56 -12.36
C MET A 246 13.24 5.46 -11.81
N LEU A 247 13.15 5.78 -10.51
CA LEU A 247 14.16 6.58 -9.81
C LEU A 247 15.52 5.90 -9.76
N ASP A 248 15.52 4.60 -9.49
CA ASP A 248 16.75 3.81 -9.42
C ASP A 248 17.42 3.77 -10.78
N ALA A 249 16.61 3.53 -11.82
CA ALA A 249 17.11 3.48 -13.20
C ALA A 249 17.52 4.90 -13.62
N SER B 8 -15.60 50.04 -2.75
CA SER B 8 -16.09 49.45 -1.48
C SER B 8 -15.39 50.08 -0.30
N LEU B 9 -16.08 50.14 0.85
CA LEU B 9 -15.49 50.65 2.07
C LEU B 9 -14.37 49.72 2.46
N ALA B 10 -14.60 48.39 2.34
CA ALA B 10 -13.63 47.36 2.62
C ALA B 10 -12.25 47.57 2.00
N LEU B 11 -12.20 48.05 0.75
CA LEU B 11 -10.92 48.26 0.08
C LEU B 11 -10.07 49.40 0.63
N SER B 12 -10.68 50.21 1.50
CA SER B 12 -10.01 51.35 2.12
C SER B 12 -9.56 51.04 3.54
N LEU B 13 -9.83 49.83 4.04
CA LEU B 13 -9.36 49.42 5.36
C LEU B 13 -7.84 49.31 5.36
N THR B 14 -7.23 49.79 6.46
CA THR B 14 -5.81 49.58 6.70
C THR B 14 -5.63 48.14 7.20
N ALA B 15 -4.36 47.71 7.25
CA ALA B 15 -3.99 46.41 7.79
C ALA B 15 -4.51 46.19 9.21
N ASP B 16 -4.25 47.16 10.08
CA ASP B 16 -4.72 47.12 11.46
C ASP B 16 -6.24 47.03 11.58
N GLN B 17 -6.97 47.80 10.76
CA GLN B 17 -8.44 47.74 10.71
C GLN B 17 -8.97 46.37 10.24
N MET B 18 -8.28 45.77 9.26
CA MET B 18 -8.63 44.46 8.73
C MET B 18 -8.49 43.42 9.85
N VAL B 19 -7.37 43.48 10.58
CA VAL B 19 -7.12 42.50 11.66
C VAL B 19 -8.17 42.70 12.74
N SER B 20 -8.43 43.97 13.11
CA SER B 20 -9.44 44.28 14.14
C SER B 20 -10.81 43.71 13.77
N ALA B 21 -11.24 43.91 12.52
CA ALA B 21 -12.53 43.42 12.03
C ALA B 21 -12.60 41.89 12.10
N LEU B 22 -11.52 41.26 11.67
CA LEU B 22 -11.45 39.79 11.65
C LEU B 22 -11.46 39.25 13.07
N LEU B 23 -10.67 39.84 13.97
CA LEU B 23 -10.67 39.38 15.37
C LEU B 23 -12.04 39.52 15.99
N ASP B 24 -12.71 40.65 15.74
CA ASP B 24 -14.06 40.86 16.26
C ASP B 24 -15.13 39.92 15.71
N ALA B 25 -14.88 39.39 14.51
CA ALA B 25 -15.81 38.50 13.80
C ALA B 25 -15.70 37.03 14.27
N GLU B 26 -14.65 36.74 15.04
CA GLU B 26 -14.30 35.34 15.37
C GLU B 26 -15.49 34.63 15.99
N PRO B 27 -15.79 33.38 15.59
CA PRO B 27 -16.83 32.62 16.27
C PRO B 27 -16.37 32.15 17.64
N PRO B 28 -17.31 31.83 18.55
CA PRO B 28 -16.94 31.28 19.85
C PRO B 28 -16.51 29.83 19.65
N ILE B 29 -15.76 29.31 20.63
CA ILE B 29 -15.42 27.90 20.65
C ILE B 29 -16.60 27.19 21.32
N LEU B 30 -17.25 26.28 20.57
CA LEU B 30 -18.41 25.57 21.03
C LEU B 30 -18.01 24.27 21.75
N TYR B 31 -18.91 23.78 22.59
CA TYR B 31 -18.73 22.50 23.29
C TYR B 31 -19.51 21.44 22.60
N SER B 32 -19.05 20.19 22.75
CA SER B 32 -19.87 19.04 22.37
C SER B 32 -21.09 18.95 23.30
N GLU B 33 -22.19 18.37 22.78
CA GLU B 33 -23.48 18.39 23.43
C GLU B 33 -23.54 17.00 23.97
N TYR B 34 -23.14 16.82 25.21
CA TYR B 34 -23.25 15.53 25.88
C TYR B 34 -23.02 15.67 27.39
N ASP B 35 -23.72 14.85 28.17
CA ASP B 35 -23.71 14.93 29.61
C ASP B 35 -22.42 14.32 30.12
N PRO B 36 -21.50 15.09 30.75
CA PRO B 36 -20.24 14.54 31.26
C PRO B 36 -20.45 13.58 32.42
N THR B 37 -21.56 13.70 33.14
CA THR B 37 -21.91 12.75 34.19
C THR B 37 -22.07 11.31 33.69
N ARG B 38 -22.13 11.13 32.36
CA ARG B 38 -22.41 9.82 31.74
C ARG B 38 -21.18 9.16 31.15
N PRO B 39 -21.13 7.80 31.04
CA PRO B 39 -19.98 7.14 30.42
C PRO B 39 -19.86 7.44 28.92
N PHE B 40 -18.61 7.50 28.44
CA PHE B 40 -18.23 7.85 27.07
C PHE B 40 -18.82 6.98 25.98
N SER B 41 -19.05 5.72 26.34
CA SER B 41 -19.62 4.65 25.52
C SER B 41 -21.05 4.87 24.98
N GLU B 42 -21.85 5.62 25.75
CA GLU B 42 -23.20 6.01 25.35
C GLU B 42 -23.16 6.74 24.01
N ALA B 43 -22.19 7.66 23.88
CA ALA B 43 -22.05 8.56 22.75
C ALA B 43 -21.63 7.86 21.45
N SER B 44 -22.04 8.46 20.34
CA SER B 44 -21.57 8.15 18.97
C SER B 44 -20.62 9.26 18.52
N MET B 45 -19.40 8.90 18.10
CA MET B 45 -18.41 9.90 17.71
C MET B 45 -18.95 10.73 16.55
N MET B 46 -19.44 10.05 15.50
CA MET B 46 -19.95 10.74 14.33
C MET B 46 -21.13 11.65 14.69
N GLY B 47 -22.01 11.15 15.57
CA GLY B 47 -23.14 11.88 16.09
C GLY B 47 -22.74 13.18 16.77
N LEU B 48 -21.71 13.10 17.62
CA LEU B 48 -21.17 14.25 18.34
C LEU B 48 -20.59 15.26 17.38
N LEU B 49 -19.82 14.77 16.40
CA LEU B 49 -19.14 15.63 15.46
C LEU B 49 -20.14 16.34 14.56
N THR B 50 -21.17 15.62 14.13
CA THR B 50 -22.23 16.19 13.30
C THR B 50 -22.96 17.30 14.07
N ASN B 51 -23.30 17.02 15.32
CA ASN B 51 -24.04 17.98 16.15
C ASN B 51 -23.23 19.26 16.36
N LEU B 52 -21.93 19.07 16.65
CA LEU B 52 -21.00 20.18 16.74
C LEU B 52 -20.90 21.01 15.45
N ALA B 53 -20.61 20.33 14.33
CA ALA B 53 -20.43 20.98 13.03
C ALA B 53 -21.68 21.78 12.66
N ASP B 54 -22.85 21.19 12.84
CA ASP B 54 -24.13 21.86 12.53
C ASP B 54 -24.29 23.17 13.30
N ARG B 55 -23.93 23.16 14.59
CA ARG B 55 -23.97 24.33 15.43
C ARG B 55 -22.90 25.34 15.01
N GLU B 56 -21.70 24.87 14.66
CA GLU B 56 -20.62 25.74 14.12
C GLU B 56 -21.00 26.44 12.82
N LEU B 57 -21.82 25.78 12.00
CA LEU B 57 -22.17 26.31 10.69
C LEU B 57 -22.92 27.66 10.82
N VAL B 58 -23.82 27.76 11.80
CA VAL B 58 -24.62 28.96 12.04
C VAL B 58 -23.71 30.16 12.33
N HIS B 59 -22.71 29.93 13.19
CA HIS B 59 -21.71 30.91 13.56
C HIS B 59 -20.78 31.26 12.40
N MET B 60 -20.47 30.28 11.55
CA MET B 60 -19.66 30.49 10.35
C MET B 60 -20.32 31.51 9.39
N ILE B 61 -21.63 31.36 9.22
CA ILE B 61 -22.41 32.29 8.40
C ILE B 61 -22.30 33.72 8.94
N ASN B 62 -22.46 33.87 10.26
CA ASN B 62 -22.34 35.16 10.92
C ASN B 62 -20.94 35.72 10.72
N TRP B 63 -19.94 34.83 10.85
CA TRP B 63 -18.53 35.20 10.65
C TRP B 63 -18.28 35.67 9.20
N ALA B 64 -18.78 34.90 8.23
CA ALA B 64 -18.58 35.18 6.82
C ALA B 64 -19.09 36.58 6.49
N LYS B 65 -20.30 36.87 7.01
CA LYS B 65 -20.94 38.16 6.75
C LYS B 65 -20.12 39.36 7.24
N ARG B 66 -19.16 39.11 8.14
CA ARG B 66 -18.32 40.14 8.75
C ARG B 66 -16.91 40.22 8.17
N VAL B 67 -16.56 39.28 7.28
CA VAL B 67 -15.29 39.31 6.60
C VAL B 67 -15.34 40.44 5.59
N PRO B 68 -14.47 41.47 5.69
CA PRO B 68 -14.54 42.59 4.77
C PRO B 68 -14.65 42.18 3.32
N GLY B 69 -15.59 42.80 2.60
CA GLY B 69 -15.81 42.51 1.21
C GLY B 69 -16.87 41.47 0.91
N PHE B 70 -17.17 40.60 1.87
CA PHE B 70 -18.02 39.43 1.60
C PHE B 70 -19.44 39.81 1.28
N VAL B 71 -20.00 40.77 2.03
CA VAL B 71 -21.36 41.21 1.80
C VAL B 71 -21.53 42.05 0.54
N ASP B 72 -20.42 42.53 -0.04
CA ASP B 72 -20.46 43.23 -1.33
C ASP B 72 -20.83 42.32 -2.49
N LEU B 73 -20.77 41.01 -2.25
CA LEU B 73 -21.05 40.00 -3.25
C LEU B 73 -22.53 39.71 -3.26
N THR B 74 -23.00 39.16 -4.37
CA THR B 74 -24.37 38.68 -4.47
C THR B 74 -24.57 37.52 -3.46
N SER B 75 -25.84 37.26 -3.11
CA SER B 75 -26.19 36.16 -2.22
C SER B 75 -25.76 34.84 -2.85
N HIS B 76 -26.00 34.70 -4.16
CA HIS B 76 -25.58 33.50 -4.90
C HIS B 76 -24.07 33.24 -4.76
N ASP B 77 -23.27 34.29 -4.95
CA ASP B 77 -21.83 34.14 -4.90
C ASP B 77 -21.38 33.90 -3.48
N GLN B 78 -22.10 34.48 -2.50
CA GLN B 78 -21.73 34.24 -1.10
C GLN B 78 -21.94 32.75 -0.77
N VAL B 79 -23.06 32.20 -1.23
CA VAL B 79 -23.38 30.78 -1.02
C VAL B 79 -22.32 29.91 -1.69
N HIS B 80 -21.94 30.27 -2.92
CA HIS B 80 -20.98 29.47 -3.65
C HIS B 80 -19.65 29.39 -2.86
N LEU B 81 -19.18 30.53 -2.38
CA LEU B 81 -17.93 30.56 -1.62
C LEU B 81 -18.04 29.67 -0.36
N LEU B 82 -19.15 29.82 0.38
CA LEU B 82 -19.36 29.01 1.57
C LEU B 82 -19.47 27.51 1.25
N GLU B 83 -20.17 27.16 0.17
CA GLU B 83 -20.28 25.75 -0.23
C GLU B 83 -18.91 25.13 -0.47
N YCM B 84 -18.00 25.90 -1.10
CA YCM B 84 -16.68 25.41 -1.46
CB YCM B 84 -16.08 26.26 -2.57
SG YCM B 84 -16.85 26.10 -4.19
CD YCM B 84 -16.09 24.58 -4.86
CE YCM B 84 -14.58 24.72 -5.02
OZ1 YCM B 84 -13.82 24.23 -4.19
NZ2 YCM B 84 -14.16 25.39 -6.07
C YCM B 84 -15.77 25.36 -0.24
O YCM B 84 -14.87 24.51 -0.19
N ALA B 85 -15.97 26.27 0.72
CA ALA B 85 -15.02 26.44 1.83
C ALA B 85 -15.35 25.80 3.21
N TRP B 86 -16.61 25.44 3.42
CA TRP B 86 -17.14 25.17 4.78
C TRP B 86 -16.26 24.12 5.53
N LEU B 87 -15.89 23.03 4.87
CA LEU B 87 -15.12 21.97 5.54
C LEU B 87 -13.69 22.41 5.80
N GLU B 88 -13.09 23.08 4.81
CA GLU B 88 -11.78 23.72 4.98
C GLU B 88 -11.79 24.69 6.16
N ILE B 89 -12.87 25.46 6.32
CA ILE B 89 -13.00 26.43 7.40
C ILE B 89 -13.13 25.72 8.75
N LEU B 90 -13.93 24.66 8.79
CA LEU B 90 -14.08 23.88 10.01
C LEU B 90 -12.72 23.28 10.40
N MET B 91 -11.95 22.83 9.40
CA MET B 91 -10.69 22.10 9.62
C MET B 91 -9.57 23.05 10.11
N ILE B 92 -9.50 24.25 9.52
CA ILE B 92 -8.45 25.16 9.97
C ILE B 92 -8.72 25.63 11.42
N GLY B 93 -10.00 25.75 11.77
CA GLY B 93 -10.44 26.06 13.12
C GLY B 93 -9.98 24.98 14.09
N LEU B 94 -10.26 23.73 13.71
CA LEU B 94 -9.84 22.55 14.48
C LEU B 94 -8.36 22.53 14.74
N VAL B 95 -7.58 22.70 13.67
CA VAL B 95 -6.11 22.65 13.76
C VAL B 95 -5.59 23.81 14.64
N TRP B 96 -6.14 25.02 14.44
CA TRP B 96 -5.81 26.14 15.30
C TRP B 96 -6.07 25.88 16.81
N ARG B 97 -7.24 25.30 17.15
CA ARG B 97 -7.62 24.99 18.51
C ARG B 97 -6.71 23.91 19.08
N SER B 98 -6.19 23.04 18.23
CA SER B 98 -5.39 21.89 18.68
C SER B 98 -3.88 22.15 18.80
N MET B 99 -3.44 23.35 18.39
CA MET B 99 -2.01 23.66 18.32
C MET B 99 -1.23 23.39 19.60
N GLU B 100 -1.83 23.78 20.73
CA GLU B 100 -1.15 23.70 22.03
C GLU B 100 -1.44 22.38 22.75
N HIS B 101 -1.91 21.39 21.98
CA HIS B 101 -2.24 20.04 22.45
C HIS B 101 -1.57 19.02 21.54
N PRO B 102 -0.22 18.89 21.58
CA PRO B 102 0.47 17.99 20.65
C PRO B 102 -0.08 16.57 20.72
N GLY B 103 -0.22 15.92 19.56
CA GLY B 103 -0.77 14.58 19.47
C GLY B 103 -2.27 14.42 19.68
N LYS B 104 -3.02 15.53 19.81
CA LYS B 104 -4.47 15.48 19.99
C LYS B 104 -5.18 16.52 19.14
N LEU B 105 -6.46 16.23 18.86
CA LEU B 105 -7.37 17.13 18.17
C LEU B 105 -8.46 17.57 19.14
N LEU B 106 -8.50 18.89 19.40
CA LEU B 106 -9.49 19.52 20.27
C LEU B 106 -10.69 19.87 19.41
N PHE B 107 -11.56 18.88 19.20
CA PHE B 107 -12.81 19.13 18.45
C PHE B 107 -13.66 20.14 19.23
N ALA B 108 -13.67 19.97 20.56
CA ALA B 108 -14.25 20.91 21.49
C ALA B 108 -13.51 20.75 22.81
N PRO B 109 -13.59 21.70 23.76
CA PRO B 109 -12.87 21.55 25.03
C PRO B 109 -13.20 20.26 25.80
N ASN B 110 -14.40 19.72 25.57
CA ASN B 110 -14.88 18.49 26.17
C ASN B 110 -14.90 17.32 25.18
N LEU B 111 -14.20 17.47 24.05
CA LEU B 111 -14.04 16.41 23.07
C LEU B 111 -12.64 16.49 22.48
N LEU B 112 -11.68 15.94 23.21
CA LEU B 112 -10.27 16.04 22.91
C LEU B 112 -9.77 14.63 22.68
N LEU B 113 -9.41 14.32 21.42
CA LEU B 113 -9.10 12.95 21.01
C LEU B 113 -7.66 12.80 20.57
N ASP B 114 -7.02 11.72 21.04
CA ASP B 114 -5.69 11.30 20.56
C ASP B 114 -5.91 10.38 19.37
N ARG B 115 -4.82 10.03 18.68
CA ARG B 115 -4.83 9.09 17.54
C ARG B 115 -5.58 7.78 17.86
N VAL B 125 -8.41 7.52 10.69
CA VAL B 125 -7.08 7.82 11.23
C VAL B 125 -6.28 8.61 10.20
N GLU B 126 -6.45 8.30 8.91
CA GLU B 126 -5.71 8.93 7.82
C GLU B 126 -5.80 10.44 7.85
N ILE B 127 -7.04 10.95 7.93
CA ILE B 127 -7.28 12.37 7.97
C ILE B 127 -6.92 12.99 9.30
N PHE B 128 -7.22 12.25 10.38
CA PHE B 128 -6.81 12.63 11.72
C PHE B 128 -5.32 12.93 11.72
N ASP B 129 -4.52 12.00 11.14
CA ASP B 129 -3.07 12.15 11.03
C ASP B 129 -2.67 13.41 10.27
N MET B 130 -3.29 13.60 9.10
CA MET B 130 -3.11 14.84 8.34
C MET B 130 -3.38 16.12 9.14
N LEU B 131 -4.46 16.11 9.95
CA LEU B 131 -4.84 17.29 10.75
C LEU B 131 -3.80 17.51 11.85
N LEU B 132 -3.40 16.43 12.53
CA LEU B 132 -2.35 16.51 13.52
C LEU B 132 -1.08 17.08 12.92
N ALA B 133 -0.72 16.64 11.71
CA ALA B 133 0.49 17.09 11.02
C ALA B 133 0.42 18.57 10.76
N THR B 134 -0.74 19.05 10.28
CA THR B 134 -0.97 20.48 10.09
C THR B 134 -0.85 21.27 11.38
N SER B 135 -1.39 20.72 12.46
CA SER B 135 -1.35 21.36 13.75
C SER B 135 0.08 21.51 14.24
N SER B 136 0.89 20.45 14.13
CA SER B 136 2.30 20.51 14.51
C SER B 136 3.07 21.52 13.65
N ARG B 137 2.74 21.59 12.35
CA ARG B 137 3.33 22.55 11.46
C ARG B 137 3.02 24.00 11.90
N PHE B 138 1.77 24.29 12.27
CA PHE B 138 1.42 25.62 12.82
C PHE B 138 2.17 25.90 14.11
N ARG B 139 2.29 24.88 14.98
CA ARG B 139 3.05 25.05 16.20
C ARG B 139 4.52 25.40 15.97
N MET B 140 5.18 24.68 15.06
CA MET B 140 6.56 24.95 14.68
C MET B 140 6.80 26.32 14.06
N MET B 141 5.78 26.83 13.37
CA MET B 141 5.83 28.17 12.77
C MET B 141 5.50 29.30 13.75
N ASN B 142 4.96 28.94 14.93
CA ASN B 142 4.52 29.90 15.94
C ASN B 142 3.42 30.81 15.35
N LEU B 143 2.46 30.16 14.68
CA LEU B 143 1.35 30.83 14.02
C LEU B 143 0.58 31.67 15.02
N GLN B 144 0.42 32.96 14.71
CA GLN B 144 -0.23 33.89 15.60
C GLN B 144 -1.72 33.98 15.24
N GLY B 145 -2.56 34.33 16.22
CA GLY B 145 -4.00 34.43 16.04
C GLY B 145 -4.37 35.40 14.94
N GLU B 146 -3.59 36.47 14.85
CA GLU B 146 -3.83 37.50 13.80
C GLU B 146 -3.56 36.93 12.40
N GLU B 147 -2.58 36.01 12.30
CA GLU B 147 -2.30 35.32 11.07
C GLU B 147 -3.36 34.28 10.75
N PHE B 148 -3.75 33.50 11.77
CA PHE B 148 -4.86 32.58 11.63
C PHE B 148 -6.13 33.16 10.99
N VAL B 149 -6.58 34.32 11.48
CA VAL B 149 -7.84 34.85 11.02
C VAL B 149 -7.70 35.32 9.56
N CYS B 150 -6.53 35.86 9.19
CA CYS B 150 -6.22 36.20 7.79
C CYS B 150 -6.33 34.98 6.87
N LEU B 151 -5.76 33.85 7.31
CA LEU B 151 -5.73 32.64 6.53
C LEU B 151 -7.09 32.02 6.34
N LYS B 152 -7.91 32.05 7.38
CA LYS B 152 -9.24 31.47 7.35
C LYS B 152 -10.11 32.31 6.41
N SER B 153 -9.90 33.64 6.43
CA SER B 153 -10.58 34.56 5.51
C SER B 153 -10.17 34.34 4.02
N ILE B 154 -8.89 34.11 3.77
CA ILE B 154 -8.38 33.71 2.46
C ILE B 154 -9.12 32.46 1.97
N ILE B 155 -9.22 31.44 2.83
CA ILE B 155 -9.92 30.22 2.44
C ILE B 155 -11.34 30.53 1.94
N LEU B 156 -12.06 31.34 2.73
CA LEU B 156 -13.41 31.77 2.37
C LEU B 156 -13.46 32.35 0.98
N LEU B 157 -12.60 33.33 0.70
CA LEU B 157 -12.69 34.12 -0.53
C LEU B 157 -12.06 33.39 -1.73
N ASN B 158 -11.08 32.53 -1.47
CA ASN B 158 -10.32 31.88 -2.53
C ASN B 158 -10.90 30.55 -3.04
N SER B 159 -11.40 29.72 -2.12
CA SER B 159 -11.69 28.33 -2.44
C SER B 159 -12.68 28.17 -3.58
N GLY B 160 -13.64 29.09 -3.68
CA GLY B 160 -14.71 29.04 -4.65
C GLY B 160 -14.57 30.01 -5.83
N VAL B 161 -13.52 30.84 -5.82
CA VAL B 161 -13.40 31.95 -6.75
C VAL B 161 -13.20 31.52 -8.23
N TYR B 162 -12.53 30.38 -8.43
CA TYR B 162 -12.19 29.85 -9.74
C TYR B 162 -13.23 28.94 -10.33
N THR B 163 -14.34 28.71 -9.61
CA THR B 163 -15.43 27.86 -10.08
C THR B 163 -16.81 28.55 -10.17
N PHE B 164 -16.82 29.88 -10.23
CA PHE B 164 -18.06 30.64 -10.46
C PHE B 164 -18.58 30.40 -11.86
N LEU B 172 -17.75 38.87 -13.70
CA LEU B 172 -16.36 39.28 -13.81
C LEU B 172 -16.03 40.31 -12.72
N GLU B 173 -16.99 41.19 -12.42
CA GLU B 173 -16.78 42.22 -11.42
C GLU B 173 -16.71 41.62 -10.01
N GLU B 174 -17.49 40.55 -9.78
CA GLU B 174 -17.48 39.81 -8.51
C GLU B 174 -16.11 39.21 -8.22
N LYS B 175 -15.54 38.50 -9.21
CA LYS B 175 -14.22 37.90 -9.12
C LYS B 175 -13.15 38.96 -8.94
N ASP B 176 -13.25 40.08 -9.68
CA ASP B 176 -12.29 41.16 -9.57
C ASP B 176 -12.25 41.72 -8.15
N HIS B 177 -13.45 41.90 -7.58
CA HIS B 177 -13.59 42.44 -6.24
C HIS B 177 -12.95 41.49 -5.20
N ILE B 178 -13.29 40.21 -5.33
CA ILE B 178 -12.70 39.16 -4.48
C ILE B 178 -11.18 39.18 -4.51
N HIS B 179 -10.60 39.22 -5.72
CA HIS B 179 -9.14 39.28 -5.88
C HIS B 179 -8.54 40.51 -5.20
N ARG B 180 -9.21 41.67 -5.31
CA ARG B 180 -8.76 42.87 -4.63
C ARG B 180 -8.78 42.75 -3.10
N VAL B 181 -9.83 42.11 -2.56
CA VAL B 181 -9.93 41.89 -1.11
C VAL B 181 -8.77 40.93 -0.70
N LEU B 182 -8.56 39.90 -1.50
CA LEU B 182 -7.47 38.92 -1.26
C LEU B 182 -6.09 39.60 -1.21
N ASP B 183 -5.85 40.54 -2.12
CA ASP B 183 -4.63 41.34 -2.13
C ASP B 183 -4.48 42.18 -0.86
N LYS B 184 -5.60 42.72 -0.38
CA LYS B 184 -5.60 43.45 0.89
C LYS B 184 -5.21 42.49 2.04
N ILE B 185 -5.71 41.27 1.98
CA ILE B 185 -5.38 40.30 3.04
C ILE B 185 -3.89 39.99 3.01
N THR B 186 -3.34 39.84 1.80
CA THR B 186 -1.89 39.66 1.62
C THR B 186 -1.09 40.82 2.25
N ASP B 187 -1.50 42.04 1.91
CA ASP B 187 -0.91 43.23 2.49
C ASP B 187 -0.92 43.16 4.02
N THR B 188 -2.04 42.71 4.58
CA THR B 188 -2.24 42.64 6.01
C THR B 188 -1.28 41.63 6.63
N LEU B 189 -1.15 40.47 5.99
CA LEU B 189 -0.24 39.40 6.49
C LEU B 189 1.21 39.93 6.54
N ILE B 190 1.63 40.62 5.47
CA ILE B 190 2.96 41.20 5.40
C ILE B 190 3.16 42.25 6.50
N HIS B 191 2.14 43.11 6.66
CA HIS B 191 2.15 44.12 7.70
C HIS B 191 2.35 43.53 9.11
N LEU B 192 1.61 42.46 9.41
CA LEU B 192 1.71 41.78 10.69
C LEU B 192 3.13 41.29 10.90
N MET B 193 3.72 40.71 9.85
CA MET B 193 5.10 40.22 9.87
C MET B 193 6.14 41.32 10.03
N ALA B 194 5.98 42.44 9.31
CA ALA B 194 6.88 43.58 9.45
C ALA B 194 6.80 44.15 10.90
N LYS B 195 5.56 44.28 11.41
CA LYS B 195 5.30 44.74 12.76
C LYS B 195 5.97 43.82 13.81
N ALA B 196 6.00 42.52 13.52
CA ALA B 196 6.57 41.52 14.43
C ALA B 196 8.10 41.50 14.44
N GLY B 197 8.72 42.21 13.49
CA GLY B 197 10.16 42.37 13.42
C GLY B 197 10.87 41.56 12.33
N LEU B 198 10.09 40.88 11.48
CA LEU B 198 10.66 40.04 10.43
C LEU B 198 11.33 40.89 9.33
N THR B 199 12.46 40.39 8.81
CA THR B 199 13.11 41.03 7.68
C THR B 199 12.22 40.86 6.46
N LEU B 200 12.46 41.68 5.43
CA LEU B 200 11.73 41.56 4.18
C LEU B 200 11.80 40.12 3.60
N GLN B 201 12.99 39.53 3.65
CA GLN B 201 13.17 38.15 3.16
C GLN B 201 12.36 37.17 4.00
N GLN B 202 12.38 37.34 5.33
CA GLN B 202 11.59 36.50 6.23
C GLN B 202 10.08 36.63 5.97
N GLN B 203 9.64 37.85 5.68
CA GLN B 203 8.23 38.14 5.39
C GLN B 203 7.77 37.34 4.20
N HIS B 204 8.53 37.39 3.09
CA HIS B 204 8.04 36.74 1.88
C HIS B 204 8.11 35.21 2.06
N GLN B 205 9.12 34.73 2.78
CA GLN B 205 9.24 33.30 3.04
C GLN B 205 8.08 32.79 3.88
N ARG B 206 7.72 33.54 4.93
CA ARG B 206 6.64 33.12 5.84
C ARG B 206 5.29 33.25 5.13
N LEU B 207 5.11 34.30 4.33
CA LEU B 207 3.92 34.39 3.49
C LEU B 207 3.69 33.14 2.62
N ALA B 208 4.76 32.69 1.95
CA ALA B 208 4.73 31.51 1.10
C ALA B 208 4.45 30.24 1.95
N GLN B 209 5.13 30.14 3.09
CA GLN B 209 4.94 28.94 3.94
C GLN B 209 3.46 28.78 4.36
N LEU B 210 2.86 29.91 4.77
CA LEU B 210 1.49 29.92 5.25
C LEU B 210 0.52 29.53 4.15
N LEU B 211 0.71 30.14 2.97
CA LEU B 211 -0.19 29.91 1.87
C LEU B 211 -0.12 28.52 1.29
N LEU B 212 1.09 27.94 1.27
CA LEU B 212 1.28 26.55 0.82
C LEU B 212 0.56 25.56 1.74
N ILE B 213 0.47 25.87 3.02
CA ILE B 213 -0.26 25.00 3.96
C ILE B 213 -1.77 24.98 3.59
N LEU B 214 -2.28 26.08 3.02
CA LEU B 214 -3.61 26.10 2.42
C LEU B 214 -3.89 25.02 1.35
N SER B 215 -2.91 24.68 0.52
CA SER B 215 -3.06 23.58 -0.44
C SER B 215 -3.28 22.24 0.35
N HIS B 216 -2.62 22.09 1.51
CA HIS B 216 -2.77 20.86 2.28
C HIS B 216 -4.16 20.82 2.96
N ILE B 217 -4.63 21.98 3.41
CA ILE B 217 -5.98 22.12 3.94
C ILE B 217 -7.05 21.77 2.89
N ARG B 218 -6.80 22.15 1.63
CA ARG B 218 -7.70 21.82 0.54
C ARG B 218 -7.72 20.33 0.39
N HIS B 219 -6.51 19.74 0.35
CA HIS B 219 -6.32 18.29 0.21
C HIS B 219 -7.12 17.54 1.24
N MET B 220 -6.93 17.91 2.51
CA MET B 220 -7.63 17.28 3.63
C MET B 220 -9.14 17.42 3.51
N SER B 221 -9.59 18.62 3.11
CA SER B 221 -11.00 18.85 2.91
C SER B 221 -11.57 17.91 1.85
N ASN B 222 -10.83 17.73 0.75
CA ASN B 222 -11.33 16.88 -0.33
C ASN B 222 -11.42 15.43 0.13
N LYS B 223 -10.39 15.00 0.86
CA LYS B 223 -10.34 13.64 1.40
C LYS B 223 -11.45 13.42 2.44
N GLY B 224 -11.68 14.42 3.28
CA GLY B 224 -12.75 14.46 4.27
C GLY B 224 -14.10 14.37 3.63
N MET B 225 -14.29 15.11 2.53
CA MET B 225 -15.54 15.08 1.76
C MET B 225 -15.81 13.67 1.20
N GLU B 226 -14.76 13.06 0.65
CA GLU B 226 -14.83 11.73 0.07
C GLU B 226 -15.19 10.69 1.16
N HIS B 227 -14.82 10.98 2.41
CA HIS B 227 -15.16 10.10 3.54
C HIS B 227 -16.64 10.24 3.92
N LEU B 228 -17.12 11.48 4.09
CA LEU B 228 -18.54 11.75 4.40
C LEU B 228 -19.47 11.10 3.38
N TYR B 229 -19.13 11.23 2.09
CA TYR B 229 -19.91 10.61 1.02
C TYR B 229 -19.65 9.11 0.94
N VAL B 236 -25.16 15.00 5.63
CA VAL B 236 -24.46 15.91 6.55
C VAL B 236 -23.93 17.20 5.90
N VAL B 237 -23.60 17.14 4.61
CA VAL B 237 -22.97 18.24 3.89
C VAL B 237 -24.03 19.30 3.62
N PRO B 238 -23.83 20.59 4.01
CA PRO B 238 -24.84 21.61 3.76
C PRO B 238 -25.02 21.84 2.27
N SER B 239 -26.28 21.93 1.83
CA SER B 239 -26.65 22.09 0.43
C SER B 239 -26.62 23.56 0.07
N TYR B 240 -26.50 23.83 -1.23
CA TYR B 240 -26.69 25.17 -1.77
C TYR B 240 -27.87 25.88 -1.08
N ASP B 241 -29.02 25.20 -1.06
CA ASP B 241 -30.27 25.75 -0.54
C ASP B 241 -30.26 26.03 0.95
N LEU B 242 -29.66 25.11 1.73
CA LEU B 242 -29.52 25.31 3.18
C LEU B 242 -28.70 26.57 3.46
N LEU B 243 -27.57 26.70 2.76
CA LEU B 243 -26.67 27.84 2.90
C LEU B 243 -27.35 29.15 2.51
N LEU B 244 -28.13 29.12 1.44
CA LEU B 244 -28.86 30.30 0.97
C LEU B 244 -29.86 30.78 2.01
N GLU B 245 -30.68 29.84 2.52
CA GLU B 245 -31.64 30.11 3.58
C GLU B 245 -30.96 30.67 4.86
N MET B 246 -29.83 30.07 5.25
CA MET B 246 -29.10 30.51 6.44
C MET B 246 -28.61 31.96 6.28
N LEU B 247 -28.08 32.26 5.09
CA LEU B 247 -27.58 33.60 4.75
C LEU B 247 -28.72 34.62 4.72
N ASP B 248 -29.86 34.23 4.14
CA ASP B 248 -31.03 35.12 4.07
C ASP B 248 -31.54 35.43 5.47
N ALA B 249 -31.63 34.38 6.29
CA ALA B 249 -32.09 34.51 7.67
C ALA B 249 -31.04 35.28 8.47
N ALA C 10 28.46 -14.51 3.61
CA ALA C 10 27.37 -15.49 3.95
C ALA C 10 27.49 -16.81 3.17
N LEU C 11 27.78 -16.73 1.86
CA LEU C 11 28.01 -17.92 1.05
C LEU C 11 29.31 -18.65 1.38
N SER C 12 30.15 -18.05 2.22
CA SER C 12 31.42 -18.65 2.64
C SER C 12 31.31 -19.35 3.99
N LEU C 13 30.16 -19.22 4.66
CA LEU C 13 29.93 -19.91 5.94
C LEU C 13 29.87 -21.41 5.73
N THR C 14 30.47 -22.17 6.65
CA THR C 14 30.25 -23.62 6.73
C THR C 14 28.88 -23.88 7.34
N ALA C 15 28.43 -25.13 7.26
CA ALA C 15 27.18 -25.58 7.87
C ALA C 15 27.15 -25.25 9.36
N ASP C 16 28.22 -25.64 10.08
CA ASP C 16 28.33 -25.36 11.51
C ASP C 16 28.28 -23.87 11.86
N GLN C 17 28.95 -23.04 11.06
CA GLN C 17 28.94 -21.59 11.21
C GLN C 17 27.55 -20.98 10.97
N MET C 18 26.83 -21.52 9.98
CA MET C 18 25.47 -21.10 9.66
C MET C 18 24.55 -21.36 10.84
N VAL C 19 24.66 -22.57 11.40
CA VAL C 19 23.82 -22.95 12.54
C VAL C 19 24.15 -22.05 13.73
N SER C 20 25.46 -21.87 14.00
CA SER C 20 25.89 -21.03 15.11
C SER C 20 25.33 -19.62 15.02
N ALA C 21 25.43 -19.01 13.82
CA ALA C 21 24.94 -17.67 13.59
C ALA C 21 23.43 -17.57 13.79
N LEU C 22 22.71 -18.56 13.29
CA LEU C 22 21.25 -18.57 13.42
C LEU C 22 20.84 -18.74 14.87
N LEU C 23 21.48 -19.68 15.60
CA LEU C 23 21.16 -19.84 17.01
C LEU C 23 21.45 -18.58 17.81
N ASP C 24 22.57 -17.92 17.52
CA ASP C 24 22.93 -16.66 18.19
C ASP C 24 21.98 -15.52 17.90
N ALA C 25 21.30 -15.57 16.75
CA ALA C 25 20.37 -14.52 16.28
C ALA C 25 18.97 -14.64 16.88
N GLU C 26 18.70 -15.77 17.54
CA GLU C 26 17.34 -16.12 17.98
C GLU C 26 16.76 -14.99 18.82
N PRO C 27 15.49 -14.58 18.61
CA PRO C 27 14.92 -13.49 19.40
C PRO C 27 14.53 -13.98 20.80
N PRO C 28 14.30 -13.06 21.76
CA PRO C 28 13.80 -13.45 23.08
C PRO C 28 12.36 -13.89 23.00
N ILE C 29 11.94 -14.71 23.97
CA ILE C 29 10.53 -15.07 24.12
C ILE C 29 9.93 -13.97 24.99
N LEU C 30 8.96 -13.23 24.45
CA LEU C 30 8.28 -12.17 25.15
C LEU C 30 7.06 -12.66 25.95
N TYR C 31 6.66 -11.83 26.93
CA TYR C 31 5.49 -12.06 27.73
C TYR C 31 4.32 -11.29 27.23
N SER C 32 3.13 -11.84 27.46
CA SER C 32 1.89 -11.10 27.20
C SER C 32 1.79 -9.94 28.22
N GLU C 33 1.00 -8.94 27.89
CA GLU C 33 0.61 -7.93 28.87
C GLU C 33 0.21 -8.61 30.17
N TYR C 34 0.94 -8.30 31.23
CA TYR C 34 0.77 -8.97 32.52
C TYR C 34 -0.59 -8.66 33.13
N ASP C 35 -1.15 -9.64 33.85
CA ASP C 35 -2.45 -9.56 34.52
C ASP C 35 -3.58 -8.86 33.74
N PRO C 36 -3.96 -9.37 32.55
CA PRO C 36 -5.16 -8.89 31.87
C PRO C 36 -6.42 -9.39 32.58
N THR C 37 -7.57 -8.78 32.27
CA THR C 37 -8.88 -9.26 32.70
C THR C 37 -9.09 -10.69 32.20
N ARG C 38 -9.45 -11.58 33.11
CA ARG C 38 -9.87 -12.95 32.77
C ARG C 38 -11.17 -13.23 33.50
N PRO C 39 -12.19 -13.85 32.85
CA PRO C 39 -12.07 -14.37 31.49
C PRO C 39 -11.94 -13.27 30.41
N PHE C 40 -11.40 -13.67 29.24
CA PHE C 40 -11.24 -12.80 28.07
C PHE C 40 -12.56 -12.58 27.32
N SER C 41 -12.68 -11.41 26.68
CA SER C 41 -13.62 -11.19 25.56
C SER C 41 -12.83 -11.45 24.26
N GLU C 42 -13.54 -11.56 23.12
CA GLU C 42 -12.89 -11.66 21.82
C GLU C 42 -11.96 -10.47 21.59
N ALA C 43 -12.45 -9.29 21.93
CA ALA C 43 -11.72 -8.03 21.80
C ALA C 43 -10.49 -7.95 22.68
N SER C 44 -10.60 -8.37 23.94
CA SER C 44 -9.46 -8.31 24.87
C SER C 44 -8.35 -9.34 24.50
N MET C 45 -8.76 -10.56 24.11
CA MET C 45 -7.81 -11.54 23.63
C MET C 45 -7.06 -10.99 22.41
N MET C 46 -7.82 -10.48 21.44
CA MET C 46 -7.24 -9.92 20.22
C MET C 46 -6.29 -8.78 20.54
N GLY C 47 -6.68 -7.92 21.49
CA GLY C 47 -5.84 -6.83 22.00
C GLY C 47 -4.51 -7.31 22.56
N LEU C 48 -4.55 -8.39 23.34
CA LEU C 48 -3.36 -8.99 23.90
C LEU C 48 -2.45 -9.56 22.81
N LEU C 49 -3.05 -10.22 21.83
CA LEU C 49 -2.30 -10.89 20.77
C LEU C 49 -1.65 -9.84 19.87
N THR C 50 -2.39 -8.77 19.58
CA THR C 50 -1.86 -7.64 18.80
C THR C 50 -0.66 -7.02 19.51
N ASN C 51 -0.80 -6.79 20.83
CA ASN C 51 0.24 -6.12 21.60
C ASN C 51 1.51 -6.97 21.63
N LEU C 52 1.33 -8.28 21.83
CA LEU C 52 2.41 -9.26 21.75
C LEU C 52 3.11 -9.25 20.38
N ALA C 53 2.33 -9.41 19.31
CA ALA C 53 2.83 -9.49 17.94
C ALA C 53 3.66 -8.24 17.62
N ASP C 54 3.12 -7.07 17.95
CA ASP C 54 3.77 -5.80 17.65
C ASP C 54 5.13 -5.67 18.34
N ARG C 55 5.21 -6.14 19.58
CA ARG C 55 6.46 -6.17 20.32
C ARG C 55 7.43 -7.20 19.73
N GLU C 56 6.91 -8.40 19.36
CA GLU C 56 7.75 -9.41 18.66
C GLU C 56 8.32 -8.92 17.32
N LEU C 57 7.58 -8.05 16.64
CA LEU C 57 8.00 -7.58 15.34
C LEU C 57 9.34 -6.86 15.37
N VAL C 58 9.57 -6.04 16.42
CA VAL C 58 10.82 -5.28 16.59
C VAL C 58 12.03 -6.23 16.61
N HIS C 59 11.86 -7.30 17.38
CA HIS C 59 12.88 -8.31 17.60
C HIS C 59 13.09 -9.18 16.37
N MET C 60 12.01 -9.41 15.62
CA MET C 60 12.06 -10.14 14.33
C MET C 60 12.98 -9.40 13.33
N ILE C 61 12.85 -8.07 13.29
CA ILE C 61 13.69 -7.26 12.42
C ILE C 61 15.17 -7.41 12.79
N ASN C 62 15.47 -7.36 14.10
CA ASN C 62 16.81 -7.58 14.61
C ASN C 62 17.32 -8.95 14.19
N TRP C 63 16.44 -9.95 14.31
CA TRP C 63 16.75 -11.33 13.92
C TRP C 63 17.02 -11.44 12.41
N ALA C 64 16.14 -10.82 11.60
CA ALA C 64 16.22 -10.85 10.16
C ALA C 64 17.56 -10.30 9.70
N LYS C 65 17.98 -9.19 10.31
CA LYS C 65 19.23 -8.52 9.95
C LYS C 65 20.48 -9.40 10.18
N ARG C 66 20.32 -10.43 11.02
CA ARG C 66 21.39 -11.39 11.35
C ARG C 66 21.30 -12.72 10.61
N VAL C 67 20.24 -12.93 9.84
CA VAL C 67 20.13 -14.10 8.99
C VAL C 67 21.10 -13.91 7.84
N PRO C 68 22.13 -14.77 7.69
CA PRO C 68 23.14 -14.59 6.66
C PRO C 68 22.51 -14.34 5.29
N GLY C 69 23.01 -13.32 4.59
CA GLY C 69 22.52 -13.00 3.27
C GLY C 69 21.47 -11.90 3.23
N PHE C 70 20.72 -11.74 4.33
CA PHE C 70 19.59 -10.80 4.36
C PHE C 70 20.00 -9.38 4.15
N VAL C 71 21.07 -8.95 4.84
CA VAL C 71 21.52 -7.54 4.69
C VAL C 71 22.19 -7.23 3.36
N ASP C 72 22.53 -8.27 2.60
CA ASP C 72 23.05 -8.08 1.23
C ASP C 72 22.00 -7.55 0.26
N LEU C 73 20.72 -7.62 0.66
CA LEU C 73 19.60 -7.23 -0.17
C LEU C 73 19.38 -5.73 0.04
N THR C 74 18.71 -5.11 -0.93
CA THR C 74 18.27 -3.72 -0.77
C THR C 74 17.25 -3.62 0.38
N SER C 75 17.10 -2.42 0.94
CA SER C 75 16.14 -2.20 2.03
C SER C 75 14.73 -2.48 1.52
N HIS C 76 14.43 -2.07 0.28
CA HIS C 76 13.13 -2.36 -0.34
C HIS C 76 12.82 -3.86 -0.36
N ASP C 77 13.80 -4.65 -0.81
CA ASP C 77 13.59 -6.08 -0.95
C ASP C 77 13.54 -6.68 0.44
N GLN C 78 14.25 -6.10 1.42
CA GLN C 78 14.19 -6.68 2.79
C GLN C 78 12.77 -6.49 3.36
N VAL C 79 12.19 -5.30 3.12
CA VAL C 79 10.83 -5.01 3.55
C VAL C 79 9.85 -5.96 2.84
N HIS C 80 10.04 -6.20 1.53
CA HIS C 80 9.13 -7.04 0.77
C HIS C 80 9.09 -8.46 1.41
N LEU C 81 10.29 -8.98 1.67
CA LEU C 81 10.38 -10.33 2.29
C LEU C 81 9.65 -10.33 3.61
N LEU C 82 9.90 -9.33 4.46
CA LEU C 82 9.27 -9.28 5.78
C LEU C 82 7.76 -9.12 5.66
N GLU C 83 7.27 -8.25 4.73
CA GLU C 83 5.84 -8.16 4.53
C GLU C 83 5.16 -9.51 4.26
N YCM C 84 5.82 -10.33 3.44
N YCM C 84 5.85 -10.36 3.49
CA YCM C 84 5.27 -11.60 3.01
CA YCM C 84 5.30 -11.60 3.00
CB YCM C 84 5.95 -12.06 1.73
CB YCM C 84 5.95 -11.95 1.68
SG YCM C 84 5.59 -11.11 0.23
SG YCM C 84 5.62 -10.80 0.34
CD YCM C 84 3.99 -11.80 -0.30
CD YCM C 84 4.11 -11.51 -0.39
CE YCM C 84 4.07 -13.27 -0.64
CE YCM C 84 3.03 -11.71 0.65
OZ1 YCM C 84 3.66 -14.11 0.16
OZ1 YCM C 84 2.12 -10.90 0.74
NZ2 YCM C 84 4.60 -13.58 -1.80
NZ2 YCM C 84 3.13 -12.78 1.40
C YCM C 84 5.40 -12.64 4.12
C YCM C 84 5.53 -12.73 4.00
O YCM C 84 4.56 -13.53 4.20
O YCM C 84 4.93 -13.80 3.84
N ALA C 85 6.42 -12.54 4.98
CA ALA C 85 6.78 -13.63 5.91
C ALA C 85 6.39 -13.47 7.39
N TRP C 86 6.10 -12.23 7.81
CA TRP C 86 6.07 -11.86 9.23
C TRP C 86 5.11 -12.78 10.00
N LEU C 87 3.90 -13.00 9.46
CA LEU C 87 2.92 -13.78 10.21
C LEU C 87 3.30 -15.27 10.25
N GLU C 88 3.77 -15.78 9.10
CA GLU C 88 4.30 -17.16 9.06
C GLU C 88 5.46 -17.32 10.06
N ILE C 89 6.32 -16.30 10.19
CA ILE C 89 7.45 -16.35 11.16
C ILE C 89 6.94 -16.36 12.59
N LEU C 90 5.96 -15.50 12.88
CA LEU C 90 5.39 -15.50 14.21
C LEU C 90 4.77 -16.88 14.54
N MET C 91 4.14 -17.50 13.53
CA MET C 91 3.39 -18.73 13.71
C MET C 91 4.31 -19.96 13.89
N ILE C 92 5.42 -20.00 13.15
CA ILE C 92 6.33 -21.12 13.34
C ILE C 92 6.99 -21.05 14.74
N GLY C 93 7.28 -19.82 15.20
CA GLY C 93 7.70 -19.52 16.56
C GLY C 93 6.71 -20.09 17.60
N LEU C 94 5.43 -19.77 17.41
CA LEU C 94 4.35 -20.25 18.25
C LEU C 94 4.30 -21.77 18.32
N VAL C 95 4.34 -22.42 17.16
CA VAL C 95 4.30 -23.89 17.09
C VAL C 95 5.52 -24.49 17.78
N TRP C 96 6.71 -23.94 17.52
CA TRP C 96 7.93 -24.36 18.19
C TRP C 96 7.85 -24.28 19.74
N ARG C 97 7.37 -23.14 20.25
CA ARG C 97 7.24 -22.89 21.70
C ARG C 97 6.23 -23.85 22.31
N SER C 98 5.23 -24.25 21.51
CA SER C 98 4.15 -25.10 22.04
C SER C 98 4.39 -26.59 22.00
N MET C 99 5.53 -27.02 21.45
CA MET C 99 5.79 -28.44 21.20
C MET C 99 5.70 -29.28 22.47
N GLU C 100 6.23 -28.77 23.58
CA GLU C 100 6.31 -29.52 24.83
C GLU C 100 5.06 -29.32 25.72
N HIS C 101 3.97 -28.79 25.11
CA HIS C 101 2.72 -28.45 25.77
C HIS C 101 1.57 -29.08 24.98
N PRO C 102 1.38 -30.41 25.04
CA PRO C 102 0.35 -31.06 24.23
C PRO C 102 -1.04 -30.47 24.51
N GLY C 103 -1.82 -30.25 23.43
CA GLY C 103 -3.14 -29.66 23.53
C GLY C 103 -3.23 -28.16 23.83
N LYS C 104 -2.09 -27.46 23.87
CA LYS C 104 -2.06 -26.02 24.16
C LYS C 104 -1.13 -25.26 23.24
N LEU C 105 -1.42 -23.97 23.10
CA LEU C 105 -0.58 -23.02 22.38
C LEU C 105 0.02 -22.03 23.38
N LEU C 106 1.35 -22.01 23.43
CA LEU C 106 2.11 -21.11 24.30
C LEU C 106 2.36 -19.83 23.53
N PHE C 107 1.37 -18.93 23.51
CA PHE C 107 1.54 -17.62 22.86
C PHE C 107 2.65 -16.85 23.56
N ALA C 108 2.65 -16.96 24.90
CA ALA C 108 3.72 -16.44 25.75
C ALA C 108 3.72 -17.31 27.01
N PRO C 109 4.77 -17.30 27.84
CA PRO C 109 4.79 -18.13 29.05
C PRO C 109 3.61 -17.88 30.00
N ASN C 110 3.04 -16.67 29.95
CA ASN C 110 1.90 -16.25 30.75
C ASN C 110 0.62 -16.14 29.91
N LEU C 111 0.62 -16.72 28.70
CA LEU C 111 -0.56 -16.80 27.86
C LEU C 111 -0.57 -18.15 27.15
N LEU C 112 -0.98 -19.18 27.89
CA LEU C 112 -0.93 -20.58 27.48
C LEU C 112 -2.36 -21.06 27.42
N LEU C 113 -2.87 -21.28 26.20
CA LEU C 113 -4.29 -21.49 25.94
C LEU C 113 -4.55 -22.87 25.37
N ASP C 114 -5.60 -23.52 25.92
CA ASP C 114 -6.13 -24.76 25.39
C ASP C 114 -7.20 -24.40 24.37
N ARG C 115 -7.68 -25.43 23.65
CA ARG C 115 -8.70 -25.27 22.61
C ARG C 115 -9.94 -24.50 23.11
N ASN C 116 -10.41 -24.85 24.32
CA ASN C 116 -11.57 -24.20 24.91
C ASN C 116 -11.45 -22.68 24.91
N GLN C 117 -10.27 -22.17 25.30
CA GLN C 117 -9.98 -20.72 25.27
C GLN C 117 -9.85 -20.13 23.87
N GLY C 118 -9.45 -20.95 22.89
CA GLY C 118 -9.41 -20.55 21.50
C GLY C 118 -10.77 -20.13 20.99
N LYS C 119 -11.82 -20.82 21.46
CA LYS C 119 -13.21 -20.55 21.10
C LYS C 119 -13.67 -19.13 21.44
N CYS C 120 -12.88 -18.43 22.27
CA CYS C 120 -13.20 -17.08 22.73
C CYS C 120 -13.29 -16.07 21.60
N VAL C 121 -12.47 -16.27 20.55
CA VAL C 121 -12.58 -15.55 19.29
C VAL C 121 -13.26 -16.48 18.29
N GLU C 122 -14.33 -15.98 17.66
CA GLU C 122 -15.19 -16.80 16.80
C GLU C 122 -14.43 -17.17 15.53
N GLY C 123 -14.56 -18.44 15.13
CA GLY C 123 -13.90 -18.99 13.96
C GLY C 123 -12.43 -19.35 14.13
N MET C 124 -11.86 -18.98 15.28
CA MET C 124 -10.43 -19.14 15.54
C MET C 124 -10.03 -20.59 15.81
N VAL C 125 -10.96 -21.38 16.35
CA VAL C 125 -10.67 -22.73 16.80
C VAL C 125 -10.16 -23.62 15.66
N GLU C 126 -10.69 -23.40 14.45
CA GLU C 126 -10.25 -24.09 13.24
C GLU C 126 -8.73 -23.99 13.04
N ILE C 127 -8.21 -22.77 13.10
CA ILE C 127 -6.79 -22.55 12.90
C ILE C 127 -5.99 -22.95 14.14
N PHE C 128 -6.54 -22.68 15.32
CA PHE C 128 -5.98 -23.15 16.57
C PHE C 128 -5.69 -24.65 16.46
N ASP C 129 -6.69 -25.41 16.00
CA ASP C 129 -6.57 -26.86 15.80
C ASP C 129 -5.45 -27.22 14.81
N MET C 130 -5.42 -26.54 13.65
CA MET C 130 -4.33 -26.68 12.70
C MET C 130 -2.93 -26.43 13.31
N LEU C 131 -2.81 -25.41 14.17
CA LEU C 131 -1.54 -25.08 14.82
C LEU C 131 -1.16 -26.17 15.81
N LEU C 132 -2.12 -26.62 16.60
CA LEU C 132 -1.92 -27.74 17.51
C LEU C 132 -1.42 -28.95 16.75
N ALA C 133 -2.05 -29.25 15.61
CA ALA C 133 -1.68 -30.37 14.76
C ALA C 133 -0.25 -30.26 14.27
N THR C 134 0.15 -29.08 13.82
CA THR C 134 1.52 -28.79 13.41
C THR C 134 2.51 -29.00 14.55
N SER C 135 2.15 -28.55 15.74
CA SER C 135 2.99 -28.65 16.90
C SER C 135 3.23 -30.13 17.27
N SER C 136 2.15 -30.93 17.25
CA SER C 136 2.26 -32.36 17.52
C SER C 136 3.11 -33.06 16.46
N ARG C 137 2.96 -32.65 15.20
CA ARG C 137 3.76 -33.17 14.09
C ARG C 137 5.26 -32.89 14.31
N PHE C 138 5.64 -31.66 14.71
CA PHE C 138 7.03 -31.39 15.05
C PHE C 138 7.51 -32.25 16.24
N ARG C 139 6.67 -32.42 17.24
CA ARG C 139 7.03 -33.22 18.39
C ARG C 139 7.31 -34.68 18.02
N MET C 140 6.44 -35.27 17.21
CA MET C 140 6.58 -36.63 16.74
C MET C 140 7.81 -36.88 15.87
N MET C 141 8.21 -35.85 15.12
CA MET C 141 9.42 -35.88 14.29
C MET C 141 10.73 -35.60 15.06
N ASN C 142 10.59 -35.12 16.31
CA ASN C 142 11.71 -34.77 17.18
C ASN C 142 12.52 -33.65 16.54
N LEU C 143 11.80 -32.64 16.07
CA LEU C 143 12.38 -31.45 15.49
C LEU C 143 13.36 -30.80 16.43
N GLN C 144 14.59 -30.59 15.93
CA GLN C 144 15.66 -30.03 16.72
C GLN C 144 15.70 -28.53 16.56
N GLY C 145 16.18 -27.83 17.60
CA GLY C 145 16.29 -26.37 17.58
C GLY C 145 17.12 -25.89 16.40
N GLU C 146 18.18 -26.65 16.10
CA GLU C 146 19.03 -26.32 14.96
C GLU C 146 18.26 -26.41 13.62
N GLU C 147 17.32 -27.36 13.53
CA GLU C 147 16.46 -27.53 12.39
C GLU C 147 15.42 -26.38 12.31
N PHE C 148 14.78 -26.09 13.44
CA PHE C 148 13.85 -24.97 13.56
C PHE C 148 14.40 -23.63 13.03
N VAL C 149 15.63 -23.26 13.42
CA VAL C 149 16.18 -21.97 12.98
C VAL C 149 16.42 -21.96 11.48
N CYS C 150 16.87 -23.09 10.93
CA CYS C 150 16.98 -23.24 9.46
C CYS C 150 15.64 -23.01 8.75
N LEU C 151 14.57 -23.60 9.29
CA LEU C 151 13.24 -23.52 8.69
C LEU C 151 12.67 -22.09 8.72
N LYS C 152 12.91 -21.38 9.84
CA LYS C 152 12.36 -20.05 10.02
C LYS C 152 13.10 -19.11 9.07
N SER C 153 14.39 -19.34 8.89
CA SER C 153 15.20 -18.57 7.91
C SER C 153 14.77 -18.83 6.44
N ILE C 154 14.43 -20.08 6.10
CA ILE C 154 13.85 -20.43 4.80
C ILE C 154 12.55 -19.59 4.59
N ILE C 155 11.69 -19.54 5.60
CA ILE C 155 10.42 -18.78 5.47
C ILE C 155 10.74 -17.33 5.11
N LEU C 156 11.67 -16.74 5.84
CA LEU C 156 12.06 -15.34 5.60
C LEU C 156 12.47 -15.13 4.16
N LEU C 157 13.40 -15.97 3.67
CA LEU C 157 13.97 -15.74 2.33
C LEU C 157 13.07 -16.22 1.19
N ASN C 158 12.20 -17.20 1.44
CA ASN C 158 11.37 -17.82 0.41
C ASN C 158 10.04 -17.15 0.18
N SER C 159 9.35 -16.75 1.26
CA SER C 159 7.93 -16.45 1.17
C SER C 159 7.62 -15.32 0.15
N GLY C 160 8.55 -14.37 0.04
CA GLY C 160 8.40 -13.20 -0.83
C GLY C 160 9.22 -13.24 -2.12
N VAL C 161 10.00 -14.30 -2.34
CA VAL C 161 10.98 -14.35 -3.42
C VAL C 161 10.36 -14.41 -4.83
N TYR C 162 9.19 -15.05 -4.95
CA TYR C 162 8.51 -15.29 -6.24
C TYR C 162 7.54 -14.16 -6.56
N THR C 163 7.46 -13.14 -5.69
CA THR C 163 6.71 -11.91 -5.96
C THR C 163 7.67 -10.72 -5.92
N THR C 168 15.30 -5.84 -14.17
CA THR C 168 16.63 -5.24 -14.12
C THR C 168 17.68 -6.32 -13.79
N LEU C 169 18.93 -6.04 -14.17
CA LEU C 169 20.05 -6.95 -13.93
C LEU C 169 20.27 -7.15 -12.43
N LYS C 170 20.28 -6.02 -11.70
CA LYS C 170 20.37 -6.01 -10.23
C LYS C 170 19.33 -6.93 -9.60
N SER C 171 18.08 -6.86 -10.09
CA SER C 171 16.98 -7.63 -9.53
C SER C 171 17.17 -9.11 -9.78
N LEU C 172 17.65 -9.46 -10.97
CA LEU C 172 17.96 -10.86 -11.27
C LEU C 172 19.09 -11.36 -10.41
N GLU C 173 20.09 -10.51 -10.14
CA GLU C 173 21.19 -10.86 -9.25
C GLU C 173 20.72 -10.99 -7.80
N GLU C 174 19.74 -10.16 -7.41
CA GLU C 174 19.13 -10.23 -6.06
C GLU C 174 18.43 -11.58 -5.82
N LYS C 175 17.61 -12.01 -6.79
CA LYS C 175 16.89 -13.27 -6.71
C LYS C 175 17.88 -14.45 -6.72
N ASP C 176 18.90 -14.36 -7.58
CA ASP C 176 19.93 -15.37 -7.64
C ASP C 176 20.61 -15.55 -6.29
N HIS C 177 20.95 -14.43 -5.65
CA HIS C 177 21.62 -14.41 -4.35
C HIS C 177 20.76 -15.09 -3.30
N ILE C 178 19.49 -14.69 -3.23
CA ILE C 178 18.51 -15.31 -2.34
C ILE C 178 18.47 -16.83 -2.49
N HIS C 179 18.34 -17.29 -3.75
CA HIS C 179 18.32 -18.72 -4.04
C HIS C 179 19.59 -19.43 -3.60
N ARG C 180 20.73 -18.78 -3.78
CA ARG C 180 22.01 -19.33 -3.32
C ARG C 180 22.09 -19.45 -1.80
N VAL C 181 21.57 -18.44 -1.08
CA VAL C 181 21.55 -18.49 0.38
C VAL C 181 20.63 -19.65 0.80
N LEU C 182 19.47 -19.76 0.14
CA LEU C 182 18.53 -20.84 0.41
C LEU C 182 19.15 -22.23 0.23
N ASP C 183 19.93 -22.41 -0.85
CA ASP C 183 20.64 -23.65 -1.12
C ASP C 183 21.64 -23.95 0.00
N LYS C 184 22.33 -22.91 0.51
CA LYS C 184 23.23 -23.07 1.63
C LYS C 184 22.47 -23.56 2.87
N ILE C 185 21.28 -23.01 3.09
CA ILE C 185 20.49 -23.43 4.25
C ILE C 185 20.05 -24.90 4.08
N THR C 186 19.67 -25.29 2.87
CA THR C 186 19.36 -26.70 2.55
C THR C 186 20.55 -27.61 2.87
N ASP C 187 21.73 -27.22 2.38
CA ASP C 187 22.96 -27.93 2.70
C ASP C 187 23.13 -28.11 4.20
N THR C 188 22.83 -27.06 4.95
CA THR C 188 23.00 -27.04 6.39
C THR C 188 22.04 -28.00 7.05
N LEU C 189 20.78 -28.01 6.59
CA LEU C 189 19.77 -28.94 7.12
C LEU C 189 20.20 -30.40 6.91
N ILE C 190 20.68 -30.69 5.69
CA ILE C 190 21.18 -32.02 5.35
C ILE C 190 22.36 -32.38 6.22
N HIS C 191 23.28 -31.42 6.41
CA HIS C 191 24.45 -31.60 7.27
C HIS C 191 24.08 -32.01 8.68
N LEU C 192 23.10 -31.30 9.26
CA LEU C 192 22.62 -31.59 10.60
C LEU C 192 22.09 -33.03 10.67
N MET C 193 21.32 -33.42 9.64
CA MET C 193 20.76 -34.77 9.53
C MET C 193 21.84 -35.86 9.35
N ALA C 194 22.83 -35.59 8.49
CA ALA C 194 23.96 -36.51 8.31
C ALA C 194 24.75 -36.69 9.60
N LYS C 195 25.02 -35.56 10.27
CA LYS C 195 25.73 -35.51 11.55
C LYS C 195 24.98 -36.31 12.62
N ALA C 196 23.65 -36.31 12.57
CA ALA C 196 22.81 -37.01 13.54
C ALA C 196 22.78 -38.53 13.33
N GLY C 197 23.29 -38.99 12.18
CA GLY C 197 23.36 -40.39 11.84
C GLY C 197 22.30 -40.92 10.87
N LEU C 198 21.52 -40.00 10.26
CA LEU C 198 20.49 -40.42 9.31
C LEU C 198 21.12 -40.93 8.01
N THR C 199 20.52 -41.97 7.40
CA THR C 199 20.98 -42.44 6.11
C THR C 199 20.66 -41.38 5.08
N LEU C 200 21.30 -41.45 3.92
CA LEU C 200 21.02 -40.55 2.82
C LEU C 200 19.52 -40.53 2.47
N GLN C 201 18.89 -41.70 2.41
CA GLN C 201 17.46 -41.79 2.12
C GLN C 201 16.64 -41.13 3.22
N GLN C 202 17.01 -41.37 4.50
CA GLN C 202 16.34 -40.72 5.61
C GLN C 202 16.49 -39.18 5.60
N GLN C 203 17.67 -38.70 5.17
CA GLN C 203 17.95 -37.27 5.11
C GLN C 203 17.02 -36.61 4.13
N HIS C 204 16.88 -37.20 2.94
CA HIS C 204 16.09 -36.57 1.86
C HIS C 204 14.60 -36.64 2.25
N GLN C 205 14.19 -37.73 2.89
CA GLN C 205 12.82 -37.88 3.34
C GLN C 205 12.46 -36.86 4.42
N ARG C 206 13.38 -36.63 5.39
CA ARG C 206 13.12 -35.71 6.49
C ARG C 206 13.15 -34.28 5.98
N LEU C 207 14.06 -33.98 5.05
CA LEU C 207 14.10 -32.69 4.37
C LEU C 207 12.74 -32.36 3.72
N ALA C 208 12.19 -33.33 2.98
CA ALA C 208 10.91 -33.19 2.31
C ALA C 208 9.79 -33.04 3.32
N GLN C 209 9.78 -33.86 4.37
CA GLN C 209 8.73 -33.75 5.38
C GLN C 209 8.69 -32.31 6.00
N LEU C 210 9.86 -31.76 6.31
CA LEU C 210 9.95 -30.48 6.98
C LEU C 210 9.47 -29.34 6.05
N LEU C 211 9.90 -29.41 4.79
CA LEU C 211 9.52 -28.41 3.83
C LEU C 211 8.04 -28.46 3.45
N LEU C 212 7.46 -29.66 3.41
CA LEU C 212 6.03 -29.83 3.19
C LEU C 212 5.20 -29.26 4.35
N ILE C 213 5.70 -29.35 5.58
CA ILE C 213 5.05 -28.73 6.74
C ILE C 213 5.01 -27.18 6.57
N LEU C 214 6.02 -26.64 5.89
CA LEU C 214 6.05 -25.24 5.50
C LEU C 214 4.86 -24.81 4.65
N SER C 215 4.37 -25.68 3.75
CA SER C 215 3.17 -25.35 2.93
C SER C 215 1.96 -25.20 3.89
N HIS C 216 1.90 -26.03 4.93
CA HIS C 216 0.78 -25.95 5.87
C HIS C 216 0.85 -24.69 6.74
N ILE C 217 2.08 -24.30 7.10
CA ILE C 217 2.33 -23.06 7.83
C ILE C 217 1.92 -21.84 7.00
N ARG C 218 2.15 -21.88 5.68
CA ARG C 218 1.75 -20.84 4.79
C ARG C 218 0.25 -20.79 4.78
N HIS C 219 -0.39 -21.94 4.62
CA HIS C 219 -1.85 -22.06 4.65
C HIS C 219 -2.46 -21.38 5.88
N MET C 220 -1.95 -21.75 7.05
CA MET C 220 -2.41 -21.20 8.31
C MET C 220 -2.18 -19.67 8.38
N SER C 221 -1.02 -19.23 7.91
CA SER C 221 -0.70 -17.81 7.80
C SER C 221 -1.71 -17.08 6.95
N ASN C 222 -2.10 -17.66 5.80
CA ASN C 222 -3.02 -17.00 4.87
C ASN C 222 -4.38 -16.87 5.57
N LYS C 223 -4.81 -17.92 6.28
CA LYS C 223 -6.08 -17.91 6.99
C LYS C 223 -6.05 -16.88 8.14
N GLY C 224 -4.94 -16.84 8.87
CA GLY C 224 -4.69 -15.89 9.93
C GLY C 224 -4.69 -14.44 9.43
N MET C 225 -4.08 -14.24 8.25
CA MET C 225 -4.01 -12.91 7.60
C MET C 225 -5.41 -12.45 7.22
N GLU C 226 -6.23 -13.37 6.73
CA GLU C 226 -7.61 -13.07 6.35
C GLU C 226 -8.42 -12.61 7.57
N HIS C 227 -8.04 -13.07 8.77
CA HIS C 227 -8.68 -12.59 10.00
C HIS C 227 -8.23 -11.17 10.36
N LEU C 228 -6.91 -10.94 10.38
CA LEU C 228 -6.35 -9.62 10.68
C LEU C 228 -6.93 -8.53 9.76
N TYR C 229 -7.04 -8.83 8.46
CA TYR C 229 -7.68 -7.91 7.49
C TYR C 229 -9.20 -7.76 7.70
N SER C 230 -9.85 -8.83 8.21
CA SER C 230 -11.27 -8.78 8.55
C SER C 230 -11.62 -7.82 9.69
N MET C 231 -10.62 -7.42 10.50
CA MET C 231 -10.82 -6.51 11.62
C MET C 231 -10.97 -5.06 11.13
N LYS C 234 -8.74 -2.42 11.87
CA LYS C 234 -8.19 -1.19 12.45
C LYS C 234 -6.66 -1.14 12.35
N ASN C 235 -6.16 -1.49 11.16
CA ASN C 235 -4.73 -1.44 10.79
C ASN C 235 -3.71 -2.21 11.68
N VAL C 236 -3.96 -3.52 11.88
CA VAL C 236 -3.07 -4.43 12.63
C VAL C 236 -1.81 -4.88 11.87
N VAL C 237 -1.91 -5.00 10.54
CA VAL C 237 -0.83 -5.51 9.70
C VAL C 237 0.26 -4.44 9.60
N PRO C 238 1.54 -4.76 9.89
CA PRO C 238 2.60 -3.76 9.83
C PRO C 238 2.76 -3.20 8.42
N SER C 239 2.90 -1.88 8.31
CA SER C 239 2.93 -1.19 7.02
C SER C 239 4.33 -1.24 6.45
N TYR C 240 4.42 -1.07 5.12
CA TYR C 240 5.70 -0.94 4.45
C TYR C 240 6.57 0.04 5.20
N ASP C 241 6.01 1.23 5.50
CA ASP C 241 6.75 2.31 6.18
C ASP C 241 7.27 1.94 7.58
N LEU C 242 6.41 1.27 8.38
CA LEU C 242 6.81 0.83 9.73
C LEU C 242 8.02 -0.11 9.63
N LEU C 243 7.93 -1.08 8.73
CA LEU C 243 8.98 -2.08 8.51
C LEU C 243 10.29 -1.43 8.05
N LEU C 244 10.17 -0.47 7.14
CA LEU C 244 11.34 0.23 6.62
C LEU C 244 12.05 1.03 7.72
N GLU C 245 11.27 1.79 8.49
CA GLU C 245 11.79 2.54 9.65
C GLU C 245 12.48 1.61 10.69
N MET C 246 11.86 0.46 10.98
CA MET C 246 12.42 -0.48 11.94
C MET C 246 13.78 -1.00 11.44
N LEU C 247 13.86 -1.31 10.13
CA LEU C 247 15.08 -1.76 9.47
C LEU C 247 16.17 -0.71 9.51
N ASP C 248 15.79 0.54 9.23
CA ASP C 248 16.74 1.66 9.21
C ASP C 248 17.30 1.89 10.59
N ALA C 249 16.41 1.88 11.60
CA ALA C 249 16.79 2.04 12.99
C ALA C 249 17.60 0.82 13.49
N SER D 8 0.49 -51.83 1.20
CA SER D 8 -0.04 -51.30 -0.07
C SER D 8 0.89 -51.64 -1.20
N LEU D 9 0.31 -51.80 -2.40
CA LEU D 9 1.06 -52.08 -3.61
C LEU D 9 1.97 -50.91 -3.88
N ALA D 10 1.44 -49.68 -3.69
CA ALA D 10 2.18 -48.42 -3.89
C ALA D 10 3.54 -48.37 -3.21
N LEU D 11 3.64 -48.89 -1.98
CA LEU D 11 4.88 -48.82 -1.20
C LEU D 11 5.99 -49.71 -1.76
N SER D 12 5.63 -50.62 -2.68
CA SER D 12 6.56 -51.54 -3.29
C SER D 12 7.03 -51.07 -4.67
N LEU D 13 6.49 -49.94 -5.16
CA LEU D 13 6.88 -49.44 -6.48
C LEU D 13 8.31 -48.93 -6.42
N THR D 14 9.08 -49.19 -7.47
CA THR D 14 10.36 -48.53 -7.67
C THR D 14 10.08 -47.09 -8.18
N ALA D 15 11.12 -46.27 -8.18
CA ALA D 15 11.02 -44.92 -8.71
C ALA D 15 10.51 -44.87 -10.13
N ASP D 16 11.11 -45.68 -11.01
CA ASP D 16 10.70 -45.78 -12.40
C ASP D 16 9.24 -46.22 -12.56
N GLN D 17 8.79 -47.21 -11.77
CA GLN D 17 7.39 -47.65 -11.79
C GLN D 17 6.41 -46.56 -11.32
N MET D 18 6.83 -45.78 -10.31
CA MET D 18 6.03 -44.65 -9.79
C MET D 18 5.87 -43.61 -10.92
N VAL D 19 6.95 -43.28 -11.60
CA VAL D 19 6.91 -42.26 -12.68
C VAL D 19 6.03 -42.80 -13.79
N SER D 20 6.21 -44.08 -14.17
CA SER D 20 5.40 -44.68 -15.23
C SER D 20 3.91 -44.59 -14.92
N ALA D 21 3.52 -44.96 -13.69
CA ALA D 21 2.13 -44.92 -13.25
C ALA D 21 1.57 -43.49 -13.34
N LEU D 22 2.36 -42.54 -12.85
CA LEU D 22 1.97 -41.13 -12.84
C LEU D 22 1.82 -40.60 -14.27
N LEU D 23 2.78 -40.91 -15.15
CA LEU D 23 2.71 -40.42 -16.54
C LEU D 23 1.48 -41.00 -17.22
N ASP D 24 1.19 -42.29 -16.99
CA ASP D 24 0.03 -42.91 -17.57
C ASP D 24 -1.33 -42.35 -17.03
N ALA D 25 -1.30 -41.78 -15.83
CA ALA D 25 -2.48 -41.23 -15.16
C ALA D 25 -2.82 -39.80 -15.64
N GLU D 26 -1.90 -39.18 -16.37
CA GLU D 26 -2.00 -37.74 -16.67
C GLU D 26 -3.33 -37.42 -17.35
N PRO D 27 -4.03 -36.34 -16.95
CA PRO D 27 -5.26 -35.95 -17.66
C PRO D 27 -4.95 -35.36 -19.03
N PRO D 28 -5.93 -35.37 -19.95
CA PRO D 28 -5.72 -34.72 -21.25
C PRO D 28 -5.75 -33.22 -21.06
N ILE D 29 -5.19 -32.48 -22.02
CA ILE D 29 -5.28 -31.02 -22.03
C ILE D 29 -6.59 -30.70 -22.71
N LEU D 30 -7.50 -30.04 -21.97
CA LEU D 30 -8.82 -29.72 -22.48
C LEU D 30 -8.83 -28.35 -23.21
N TYR D 31 -9.82 -28.17 -24.08
CA TYR D 31 -10.03 -26.92 -24.81
C TYR D 31 -11.16 -26.13 -24.19
N SER D 32 -11.05 -24.80 -24.31
CA SER D 32 -12.14 -23.95 -23.91
C SER D 32 -13.37 -24.09 -24.84
N GLU D 33 -14.56 -24.09 -24.24
CA GLU D 33 -15.81 -24.24 -24.96
C GLU D 33 -16.05 -22.94 -25.72
N SER D 44 -17.60 -14.25 -22.12
CA SER D 44 -17.24 -14.05 -20.72
C SER D 44 -16.02 -14.86 -20.29
N MET D 45 -14.97 -14.17 -19.86
CA MET D 45 -13.74 -14.83 -19.43
C MET D 45 -14.02 -15.79 -18.27
N MET D 46 -14.70 -15.27 -17.24
CA MET D 46 -15.04 -16.06 -16.08
C MET D 46 -15.88 -17.28 -16.45
N GLY D 47 -16.87 -17.07 -17.35
CA GLY D 47 -17.70 -18.13 -17.88
C GLY D 47 -16.91 -19.24 -18.56
N LEU D 48 -15.95 -18.85 -19.39
CA LEU D 48 -15.10 -19.79 -20.10
C LEU D 48 -14.22 -20.58 -19.11
N LEU D 49 -13.66 -19.87 -18.12
CA LEU D 49 -12.79 -20.48 -17.16
C LEU D 49 -13.55 -21.45 -16.27
N THR D 50 -14.77 -21.08 -15.88
CA THR D 50 -15.61 -21.95 -15.06
C THR D 50 -15.92 -23.23 -15.83
N ASN D 51 -16.33 -23.08 -17.10
CA ASN D 51 -16.67 -24.21 -17.94
C ASN D 51 -15.49 -25.18 -18.12
N LEU D 52 -14.31 -24.60 -18.35
CA LEU D 52 -13.07 -25.36 -18.42
C LEU D 52 -12.76 -26.13 -17.11
N ALA D 53 -12.72 -25.40 -15.99
CA ALA D 53 -12.40 -25.98 -14.69
C ALA D 53 -13.35 -27.11 -14.33
N ASP D 54 -14.65 -26.92 -14.56
CA ASP D 54 -15.66 -27.94 -14.30
C ASP D 54 -15.40 -29.24 -15.07
N ARG D 55 -15.01 -29.10 -16.34
CA ARG D 55 -14.69 -30.23 -17.18
C ARG D 55 -13.38 -30.87 -16.73
N GLU D 56 -12.38 -30.05 -16.35
CA GLU D 56 -11.11 -30.55 -15.77
C GLU D 56 -11.28 -31.35 -14.49
N LEU D 57 -12.29 -30.98 -13.69
CA LEU D 57 -12.52 -31.62 -12.40
C LEU D 57 -12.81 -33.14 -12.56
N VAL D 58 -13.59 -33.50 -13.58
CA VAL D 58 -13.98 -34.88 -13.83
C VAL D 58 -12.72 -35.75 -14.06
N HIS D 59 -11.81 -35.21 -14.89
CA HIS D 59 -10.55 -35.82 -15.23
C HIS D 59 -9.58 -35.87 -14.05
N MET D 60 -9.62 -34.83 -13.21
CA MET D 60 -8.82 -34.78 -11.98
C MET D 60 -9.17 -35.97 -11.03
N ILE D 61 -10.47 -36.24 -10.89
CA ILE D 61 -10.94 -37.37 -10.10
C ILE D 61 -10.36 -38.69 -10.64
N ASN D 62 -10.43 -38.86 -11.97
CA ASN D 62 -9.89 -40.05 -12.62
C ASN D 62 -8.40 -40.17 -12.38
N TRP D 63 -7.72 -39.03 -12.48
CA TRP D 63 -6.28 -38.96 -12.21
C TRP D 63 -5.94 -39.32 -10.77
N ALA D 64 -6.70 -38.75 -9.82
CA ALA D 64 -6.46 -38.95 -8.39
C ALA D 64 -6.54 -40.44 -8.06
N LYS D 65 -7.57 -41.10 -8.62
CA LYS D 65 -7.78 -42.53 -8.38
C LYS D 65 -6.61 -43.40 -8.82
N ARG D 66 -5.76 -42.87 -9.71
CA ARG D 66 -4.61 -43.57 -10.29
C ARG D 66 -3.27 -43.20 -9.66
N VAL D 67 -3.27 -42.20 -8.77
CA VAL D 67 -2.07 -41.84 -8.03
C VAL D 67 -1.83 -42.95 -7.02
N PRO D 68 -0.68 -43.63 -7.07
CA PRO D 68 -0.42 -44.73 -6.14
C PRO D 68 -0.72 -44.34 -4.70
N GLY D 69 -1.43 -45.24 -4.01
CA GLY D 69 -1.80 -45.04 -2.63
C GLY D 69 -3.14 -44.41 -2.38
N PHE D 70 -3.66 -43.66 -3.35
CA PHE D 70 -4.85 -42.84 -3.13
C PHE D 70 -6.09 -43.67 -2.86
N VAL D 71 -6.26 -44.76 -3.63
CA VAL D 71 -7.42 -45.62 -3.48
C VAL D 71 -7.39 -46.46 -2.24
N ASP D 72 -6.23 -46.56 -1.58
CA ASP D 72 -6.11 -47.26 -0.30
C ASP D 72 -6.81 -46.52 0.83
N LEU D 73 -7.14 -45.25 0.60
CA LEU D 73 -7.82 -44.39 1.55
C LEU D 73 -9.31 -44.61 1.47
N THR D 74 -10.01 -44.27 2.55
CA THR D 74 -11.46 -44.23 2.57
C THR D 74 -11.97 -43.17 1.56
N SER D 75 -13.23 -43.31 1.18
CA SER D 75 -13.89 -42.36 0.30
C SER D 75 -13.89 -40.98 0.94
N HIS D 76 -14.21 -40.92 2.24
CA HIS D 76 -14.22 -39.66 2.99
C HIS D 76 -12.85 -38.96 2.91
N ASP D 77 -11.79 -39.72 3.14
CA ASP D 77 -10.45 -39.15 3.14
C ASP D 77 -10.02 -38.75 1.75
N GLN D 78 -10.48 -39.49 0.74
CA GLN D 78 -10.16 -39.16 -0.64
C GLN D 78 -10.80 -37.78 -0.99
N VAL D 79 -12.06 -37.60 -0.58
CA VAL D 79 -12.78 -36.35 -0.80
C VAL D 79 -12.08 -35.21 -0.06
N HIS D 80 -11.66 -35.46 1.18
CA HIS D 80 -11.03 -34.41 1.95
C HIS D 80 -9.77 -33.91 1.22
N LEU D 81 -8.93 -34.85 0.77
CA LEU D 81 -7.72 -34.47 0.07
C LEU D 81 -8.04 -33.64 -1.20
N LEU D 82 -9.01 -34.12 -1.99
CA LEU D 82 -9.42 -33.41 -3.22
C LEU D 82 -9.99 -32.02 -2.89
N GLU D 83 -10.81 -31.93 -1.84
CA GLU D 83 -11.38 -30.63 -1.46
C GLU D 83 -10.28 -29.61 -1.15
N YCM D 84 -9.22 -30.05 -0.47
CA YCM D 84 -8.16 -29.16 -0.05
CB YCM D 84 -7.36 -29.79 1.09
SG YCM D 84 -8.23 -29.90 2.67
CD YCM D 84 -8.02 -28.23 3.36
CE YCM D 84 -6.55 -27.88 3.60
OZ1 YCM D 84 -5.95 -27.16 2.82
NZ2 YCM D 84 -5.99 -28.40 4.67
C YCM D 84 -7.22 -28.83 -1.22
O YCM D 84 -6.65 -27.73 -1.23
N ALA D 85 -7.08 -29.75 -2.18
CA ALA D 85 -6.07 -29.62 -3.23
C ALA D 85 -6.51 -29.08 -4.64
N TRP D 86 -7.81 -29.13 -4.91
CA TRP D 86 -8.34 -29.02 -6.28
C TRP D 86 -7.80 -27.74 -7.00
N LEU D 87 -7.79 -26.60 -6.32
CA LEU D 87 -7.38 -25.35 -6.98
C LEU D 87 -5.87 -25.31 -7.18
N GLU D 88 -5.12 -25.77 -6.16
CA GLU D 88 -3.69 -25.95 -6.28
C GLU D 88 -3.34 -26.90 -7.44
N ILE D 89 -4.12 -27.96 -7.63
CA ILE D 89 -3.88 -28.91 -8.73
C ILE D 89 -4.18 -28.26 -10.08
N LEU D 90 -5.29 -27.52 -10.16
CA LEU D 90 -5.59 -26.79 -11.39
C LEU D 90 -4.48 -25.81 -11.71
N MET D 91 -3.94 -25.14 -10.69
CA MET D 91 -2.94 -24.08 -10.85
C MET D 91 -1.59 -24.62 -11.29
N ILE D 92 -1.15 -25.73 -10.71
CA ILE D 92 0.16 -26.25 -11.11
C ILE D 92 0.09 -26.78 -12.57
N GLY D 93 -1.08 -27.30 -12.97
CA GLY D 93 -1.34 -27.72 -14.34
C GLY D 93 -1.20 -26.54 -15.29
N LEU D 94 -1.87 -25.45 -14.91
CA LEU D 94 -1.84 -24.20 -15.67
C LEU D 94 -0.41 -23.69 -15.87
N VAL D 95 0.34 -23.64 -14.77
CA VAL D 95 1.71 -23.14 -14.79
C VAL D 95 2.60 -24.07 -15.64
N TRP D 96 2.46 -25.40 -15.46
CA TRP D 96 3.15 -26.35 -16.32
C TRP D 96 2.88 -26.15 -17.84
N ARG D 97 1.60 -25.97 -18.21
CA ARG D 97 1.20 -25.78 -19.60
C ARG D 97 1.75 -24.46 -20.15
N SER D 98 1.95 -23.48 -19.27
CA SER D 98 2.38 -22.13 -19.68
C SER D 98 3.90 -21.93 -19.71
N MET D 99 4.67 -22.95 -19.30
CA MET D 99 6.11 -22.83 -19.14
C MET D 99 6.83 -22.35 -20.39
N GLU D 100 6.43 -22.89 -21.53
CA GLU D 100 7.09 -22.64 -22.81
C GLU D 100 6.49 -21.42 -23.54
N HIS D 101 5.71 -20.62 -22.79
CA HIS D 101 5.00 -19.43 -23.29
C HIS D 101 5.29 -18.26 -22.35
N PRO D 102 6.52 -17.71 -22.35
CA PRO D 102 6.86 -16.61 -21.43
C PRO D 102 5.88 -15.43 -21.57
N GLY D 103 5.50 -14.85 -20.43
CA GLY D 103 4.53 -13.77 -20.37
C GLY D 103 3.07 -14.10 -20.63
N LYS D 104 2.72 -15.38 -20.79
CA LYS D 104 1.33 -15.79 -21.01
C LYS D 104 0.94 -17.00 -20.18
N LEU D 105 -0.37 -17.13 -19.95
CA LEU D 105 -1.01 -18.24 -19.30
C LEU D 105 -1.87 -18.99 -20.30
N LEU D 106 -1.49 -20.26 -20.54
CA LEU D 106 -2.20 -21.14 -21.46
C LEU D 106 -3.27 -21.88 -20.65
N PHE D 107 -4.41 -21.22 -20.46
CA PHE D 107 -5.54 -21.83 -19.78
C PHE D 107 -6.00 -23.06 -20.56
N ALA D 108 -6.01 -22.92 -21.89
CA ALA D 108 -6.23 -24.02 -22.83
C ALA D 108 -5.55 -23.60 -24.13
N PRO D 109 -5.32 -24.52 -25.09
CA PRO D 109 -4.64 -24.13 -26.34
C PRO D 109 -5.32 -23.00 -27.12
N ASN D 110 -6.64 -22.85 -26.93
CA ASN D 110 -7.48 -21.83 -27.54
C ASN D 110 -7.89 -20.75 -26.53
N LEU D 111 -7.19 -20.69 -25.38
CA LEU D 111 -7.41 -19.63 -24.40
C LEU D 111 -6.05 -19.27 -23.77
N LEU D 112 -5.32 -18.41 -24.48
CA LEU D 112 -3.95 -18.05 -24.13
C LEU D 112 -3.95 -16.56 -23.88
N LEU D 113 -3.74 -16.18 -22.62
CA LEU D 113 -3.87 -14.82 -22.17
C LEU D 113 -2.54 -14.22 -21.72
N ASP D 114 -2.26 -12.99 -22.19
CA ASP D 114 -1.14 -12.18 -21.71
C ASP D 114 -1.63 -11.39 -20.49
N ARG D 115 -0.70 -10.72 -19.82
CA ARG D 115 -1.00 -9.84 -18.68
C ARG D 115 -2.09 -8.82 -18.98
N MET D 124 -7.94 -11.83 -12.39
CA MET D 124 -7.38 -10.69 -11.68
C MET D 124 -5.83 -10.68 -11.69
N VAL D 125 -5.29 -9.48 -11.92
CA VAL D 125 -3.90 -9.28 -12.33
C VAL D 125 -2.95 -9.84 -11.28
N GLU D 126 -3.29 -9.64 -10.00
CA GLU D 126 -2.44 -10.01 -8.86
C GLU D 126 -2.07 -11.47 -8.93
N ILE D 127 -3.08 -12.33 -9.07
CA ILE D 127 -2.87 -13.76 -9.10
C ILE D 127 -2.27 -14.23 -10.42
N PHE D 128 -2.74 -13.62 -11.51
CA PHE D 128 -2.18 -13.83 -12.81
C PHE D 128 -0.66 -13.65 -12.76
N ASP D 129 -0.22 -12.52 -12.16
CA ASP D 129 1.21 -12.21 -11.99
C ASP D 129 1.95 -13.30 -11.20
N MET D 130 1.38 -13.69 -10.06
CA MET D 130 1.92 -14.80 -9.28
C MET D 130 2.07 -16.11 -10.10
N LEU D 131 1.09 -16.42 -10.96
CA LEU D 131 1.12 -17.61 -11.79
C LEU D 131 2.22 -17.51 -12.83
N LEU D 132 2.29 -16.35 -13.50
CA LEU D 132 3.38 -16.09 -14.43
C LEU D 132 4.73 -16.24 -13.78
N ALA D 133 4.87 -15.73 -12.56
CA ALA D 133 6.12 -15.81 -11.79
C ALA D 133 6.50 -17.26 -11.53
N THR D 134 5.52 -18.07 -11.13
CA THR D 134 5.74 -19.50 -10.90
C THR D 134 6.16 -20.20 -12.17
N SER D 135 5.53 -19.84 -13.29
CA SER D 135 5.83 -20.42 -14.57
C SER D 135 7.25 -20.12 -14.99
N SER D 136 7.68 -18.86 -14.85
CA SER D 136 9.07 -18.46 -15.16
C SER D 136 10.06 -19.21 -14.25
N ARG D 137 9.70 -19.40 -12.98
CA ARG D 137 10.55 -20.13 -12.04
C ARG D 137 10.73 -21.60 -12.50
N PHE D 138 9.65 -22.26 -12.94
CA PHE D 138 9.77 -23.63 -13.48
C PHE D 138 10.62 -23.63 -14.76
N ARG D 139 10.45 -22.63 -15.62
CA ARG D 139 11.26 -22.52 -16.81
C ARG D 139 12.77 -22.39 -16.51
N MET D 140 13.13 -21.50 -15.58
CA MET D 140 14.52 -21.32 -15.16
C MET D 140 15.14 -22.56 -14.52
N MET D 141 14.31 -23.38 -13.86
CA MET D 141 14.74 -24.64 -13.25
C MET D 141 14.83 -25.80 -14.24
N ASN D 142 14.27 -25.62 -15.45
CA ASN D 142 14.18 -26.66 -16.46
C ASN D 142 13.41 -27.86 -15.90
N LEU D 143 12.26 -27.57 -15.28
CA LEU D 143 11.39 -28.55 -14.69
C LEU D 143 10.97 -29.58 -15.72
N GLN D 144 11.22 -30.87 -15.41
CA GLN D 144 10.91 -31.95 -16.32
C GLN D 144 9.54 -32.53 -16.02
N GLY D 145 8.92 -33.12 -17.04
CA GLY D 145 7.57 -33.66 -16.95
C GLY D 145 7.46 -34.69 -15.82
N GLU D 146 8.53 -35.47 -15.67
CA GLU D 146 8.58 -36.53 -14.63
C GLU D 146 8.59 -35.90 -13.23
N GLU D 147 9.20 -34.70 -13.10
CA GLU D 147 9.21 -33.97 -11.87
C GLU D 147 7.88 -33.33 -11.61
N PHE D 148 7.32 -32.67 -12.65
CA PHE D 148 5.96 -32.16 -12.58
C PHE D 148 4.91 -33.11 -12.00
N VAL D 149 4.87 -34.35 -12.50
CA VAL D 149 3.81 -35.27 -12.10
C VAL D 149 4.02 -35.67 -10.62
N CYS D 150 5.28 -35.80 -10.19
CA CYS D 150 5.61 -36.03 -8.77
C CYS D 150 5.08 -34.93 -7.87
N LEU D 151 5.29 -33.68 -8.31
CA LEU D 151 4.89 -32.51 -7.55
C LEU D 151 3.38 -32.39 -7.41
N LYS D 152 2.67 -32.69 -8.49
CA LYS D 152 1.22 -32.54 -8.51
C LYS D 152 0.62 -33.65 -7.61
N SER D 153 1.26 -34.83 -7.61
CA SER D 153 0.88 -35.93 -6.70
C SER D 153 1.11 -35.59 -5.20
N ILE D 154 2.24 -34.94 -4.90
CA ILE D 154 2.51 -34.41 -3.59
C ILE D 154 1.42 -33.48 -3.11
N ILE D 155 1.03 -32.55 -3.99
CA ILE D 155 -0.04 -31.60 -3.64
C ILE D 155 -1.30 -32.35 -3.20
N LEU D 156 -1.70 -33.34 -4.00
CA LEU D 156 -2.88 -34.18 -3.71
C LEU D 156 -2.81 -34.75 -2.32
N LEU D 157 -1.70 -35.39 -2.00
CA LEU D 157 -1.58 -36.18 -0.76
C LEU D 157 -1.28 -35.31 0.46
N ASN D 158 -0.61 -34.15 0.24
CA ASN D 158 -0.13 -33.33 1.34
C ASN D 158 -1.11 -32.23 1.81
N SER D 159 -1.82 -31.60 0.86
CA SER D 159 -2.53 -30.38 1.16
C SER D 159 -3.58 -30.54 2.27
N GLY D 160 -4.21 -31.72 2.32
CA GLY D 160 -5.28 -32.01 3.23
C GLY D 160 -4.90 -32.88 4.43
N VAL D 161 -3.65 -33.34 4.48
CA VAL D 161 -3.22 -34.37 5.43
C VAL D 161 -3.24 -33.91 6.91
N TYR D 162 -3.00 -32.61 7.14
CA TYR D 162 -2.90 -32.05 8.50
C TYR D 162 -4.24 -31.57 9.04
N THR D 163 -5.32 -31.70 8.25
CA THR D 163 -6.65 -31.21 8.64
C THR D 163 -7.76 -32.28 8.64
N PHE D 164 -7.37 -33.56 8.72
CA PHE D 164 -8.34 -34.66 8.82
C PHE D 164 -9.08 -34.61 10.16
N SER D 167 -10.33 -38.64 14.84
CA SER D 167 -9.09 -39.19 15.38
C SER D 167 -9.27 -40.65 15.86
N THR D 168 -9.84 -41.46 14.96
CA THR D 168 -9.94 -42.90 15.12
C THR D 168 -8.61 -43.59 14.75
N LEU D 169 -8.53 -44.90 15.04
CA LEU D 169 -7.41 -45.74 14.62
C LEU D 169 -7.26 -45.73 13.10
N LYS D 170 -8.38 -45.91 12.38
CA LYS D 170 -8.38 -45.90 10.92
C LYS D 170 -7.77 -44.58 10.39
N SER D 171 -8.14 -43.46 11.02
CA SER D 171 -7.69 -42.14 10.56
C SER D 171 -6.19 -41.96 10.77
N LEU D 172 -5.69 -42.48 11.89
CA LEU D 172 -4.25 -42.46 12.18
C LEU D 172 -3.49 -43.35 11.18
N GLU D 173 -4.10 -44.48 10.82
CA GLU D 173 -3.52 -45.36 9.81
C GLU D 173 -3.51 -44.68 8.42
N GLU D 174 -4.57 -43.91 8.15
CA GLU D 174 -4.71 -43.18 6.88
C GLU D 174 -3.59 -42.15 6.71
N LYS D 175 -3.35 -41.35 7.75
CA LYS D 175 -2.26 -40.39 7.78
C LYS D 175 -0.90 -41.05 7.62
N ASP D 176 -0.69 -42.14 8.36
CA ASP D 176 0.57 -42.87 8.29
C ASP D 176 0.85 -43.33 6.86
N HIS D 177 -0.18 -43.86 6.21
CA HIS D 177 -0.07 -44.40 4.87
C HIS D 177 0.28 -43.27 3.88
N ILE D 178 -0.45 -42.17 4.00
CA ILE D 178 -0.17 -40.97 3.19
C ILE D 178 1.29 -40.52 3.29
N HIS D 179 1.78 -40.40 4.53
CA HIS D 179 3.19 -40.03 4.78
C HIS D 179 4.18 -40.99 4.12
N ARG D 180 3.88 -42.30 4.21
CA ARG D 180 4.71 -43.32 3.56
C ARG D 180 4.75 -43.15 2.02
N VAL D 181 3.58 -42.83 1.42
CA VAL D 181 3.51 -42.66 -0.03
C VAL D 181 4.29 -41.39 -0.40
N LEU D 182 4.14 -40.34 0.43
CA LEU D 182 4.88 -39.07 0.22
C LEU D 182 6.40 -39.29 0.21
N ASP D 183 6.88 -40.09 1.16
CA ASP D 183 8.28 -40.48 1.22
C ASP D 183 8.73 -41.20 -0.06
N LYS D 184 7.87 -42.09 -0.57
CA LYS D 184 8.17 -42.78 -1.84
C LYS D 184 8.28 -41.75 -2.98
N ILE D 185 7.42 -40.74 -2.96
CA ILE D 185 7.51 -39.73 -4.02
C ILE D 185 8.84 -38.97 -3.92
N THR D 186 9.27 -38.66 -2.69
CA THR D 186 10.56 -38.04 -2.44
C THR D 186 11.71 -38.91 -3.00
N ASP D 187 11.67 -40.21 -2.67
CA ASP D 187 12.63 -41.13 -3.21
C ASP D 187 12.68 -41.06 -4.75
N THR D 188 11.50 -40.99 -5.36
CA THR D 188 11.36 -40.96 -6.80
C THR D 188 12.00 -39.71 -7.37
N LEU D 189 11.75 -38.57 -6.74
CA LEU D 189 12.30 -37.26 -7.19
C LEU D 189 13.84 -37.32 -7.20
N ILE D 190 14.41 -37.83 -6.08
CA ILE D 190 15.85 -37.98 -5.96
C ILE D 190 16.40 -38.93 -7.05
N HIS D 191 15.70 -40.04 -7.25
CA HIS D 191 16.08 -41.01 -8.27
C HIS D 191 16.15 -40.39 -9.68
N LEU D 192 15.13 -39.61 -10.03
CA LEU D 192 15.07 -38.93 -11.31
C LEU D 192 16.28 -38.02 -11.46
N MET D 193 16.62 -37.30 -10.38
CA MET D 193 17.76 -36.40 -10.34
C MET D 193 19.10 -37.11 -10.44
N ALA D 194 19.26 -38.23 -9.74
CA ALA D 194 20.48 -39.04 -9.82
C ALA D 194 20.66 -39.56 -11.26
N LYS D 195 19.56 -40.07 -11.84
CA LYS D 195 19.53 -40.57 -13.20
C LYS D 195 19.93 -39.48 -14.22
N ALA D 196 19.51 -38.23 -13.96
CA ALA D 196 19.76 -37.10 -14.84
C ALA D 196 21.20 -36.58 -14.77
N GLY D 197 21.97 -37.06 -13.79
CA GLY D 197 23.37 -36.72 -13.65
C GLY D 197 23.73 -35.75 -12.54
N LEU D 198 22.74 -35.35 -11.73
CA LEU D 198 22.96 -34.40 -10.65
C LEU D 198 23.80 -35.04 -9.53
N THR D 199 24.70 -34.23 -8.94
CA THR D 199 25.46 -34.65 -7.76
C THR D 199 24.50 -34.78 -6.59
N LEU D 200 24.93 -35.50 -5.56
CA LEU D 200 24.14 -35.67 -4.33
C LEU D 200 23.73 -34.31 -3.76
N GLN D 201 24.66 -33.34 -3.74
CA GLN D 201 24.36 -32.01 -3.23
C GLN D 201 23.34 -31.30 -4.11
N GLN D 202 23.49 -31.43 -5.43
CA GLN D 202 22.52 -30.86 -6.38
C GLN D 202 21.12 -31.45 -6.21
N GLN D 203 21.05 -32.76 -5.96
CA GLN D 203 19.81 -33.45 -5.75
C GLN D 203 19.04 -32.87 -4.57
N HIS D 204 19.71 -32.70 -3.41
CA HIS D 204 18.98 -32.25 -2.24
C HIS D 204 18.60 -30.77 -2.41
N GLN D 205 19.46 -30.00 -3.08
CA GLN D 205 19.16 -28.58 -3.33
C GLN D 205 17.93 -28.43 -4.24
N ARG D 206 17.88 -29.22 -5.31
CA ARG D 206 16.78 -29.18 -6.25
C ARG D 206 15.49 -29.71 -5.61
N LEU D 207 15.59 -30.78 -4.82
CA LEU D 207 14.45 -31.27 -4.05
C LEU D 207 13.81 -30.15 -3.20
N ALA D 208 14.66 -29.41 -2.46
CA ALA D 208 14.22 -28.31 -1.61
C ALA D 208 13.59 -27.19 -2.47
N GLN D 209 14.26 -26.86 -3.58
CA GLN D 209 13.73 -25.76 -4.43
C GLN D 209 12.31 -26.08 -4.92
N LEU D 210 12.12 -27.31 -5.38
CA LEU D 210 10.85 -27.76 -5.93
C LEU D 210 9.74 -27.71 -4.87
N LEU D 211 10.06 -28.22 -3.68
CA LEU D 211 9.08 -28.32 -2.65
C LEU D 211 8.68 -26.95 -2.06
N LEU D 212 9.64 -26.04 -1.97
CA LEU D 212 9.39 -24.66 -1.53
C LEU D 212 8.42 -23.95 -2.48
N ILE D 213 8.50 -24.27 -3.77
CA ILE D 213 7.58 -23.63 -4.76
C ILE D 213 6.12 -24.06 -4.45
N LEU D 214 5.94 -25.25 -3.90
CA LEU D 214 4.65 -25.70 -3.37
C LEU D 214 4.01 -24.78 -2.30
N SER D 215 4.82 -24.13 -1.44
CA SER D 215 4.30 -23.15 -0.50
C SER D 215 3.71 -21.96 -1.30
N HIS D 216 4.35 -21.59 -2.40
CA HIS D 216 3.84 -20.45 -3.19
C HIS D 216 2.54 -20.84 -3.93
N ILE D 217 2.48 -22.10 -4.39
CA ILE D 217 1.26 -22.63 -4.98
C ILE D 217 0.08 -22.64 -3.98
N ARG D 218 0.38 -22.95 -2.72
CA ARG D 218 -0.63 -22.93 -1.67
C ARG D 218 -1.11 -21.51 -1.51
N HIS D 219 -0.14 -20.58 -1.43
CA HIS D 219 -0.42 -19.15 -1.29
C HIS D 219 -1.37 -18.67 -2.37
N MET D 220 -1.03 -18.96 -3.62
CA MET D 220 -1.85 -18.55 -4.78
C MET D 220 -3.24 -19.16 -4.71
N SER D 221 -3.30 -20.45 -4.31
CA SER D 221 -4.59 -21.10 -4.16
C SER D 221 -5.46 -20.38 -3.13
N ASN D 222 -4.86 -19.97 -1.99
CA ASN D 222 -5.62 -19.33 -0.94
C ASN D 222 -6.13 -17.98 -1.42
N LYS D 223 -5.27 -17.25 -2.14
CA LYS D 223 -5.65 -15.94 -2.68
C LYS D 223 -6.75 -16.07 -3.73
N GLY D 224 -6.62 -17.08 -4.59
CA GLY D 224 -7.59 -17.45 -5.59
C GLY D 224 -8.94 -17.79 -4.98
N MET D 225 -8.90 -18.58 -3.89
CA MET D 225 -10.08 -19.01 -3.17
C MET D 225 -10.80 -17.82 -2.57
N GLU D 226 -10.06 -16.85 -2.02
CA GLU D 226 -10.65 -15.68 -1.42
C GLU D 226 -11.38 -14.83 -2.46
N HIS D 227 -10.98 -14.94 -3.73
CA HIS D 227 -11.76 -14.28 -4.80
C HIS D 227 -13.03 -15.08 -5.16
N LEU D 228 -12.89 -16.38 -5.39
CA LEU D 228 -14.02 -17.25 -5.81
C LEU D 228 -15.10 -17.27 -4.73
N VAL D 236 -18.95 -21.63 -7.48
CA VAL D 236 -18.04 -22.33 -8.37
C VAL D 236 -17.22 -23.45 -7.69
N VAL D 237 -16.97 -23.32 -6.39
CA VAL D 237 -16.06 -24.22 -5.66
C VAL D 237 -16.76 -25.55 -5.44
N PRO D 238 -16.18 -26.70 -5.84
CA PRO D 238 -16.84 -28.00 -5.65
C PRO D 238 -16.99 -28.29 -4.16
N SER D 239 -18.17 -28.78 -3.79
CA SER D 239 -18.53 -29.07 -2.41
C SER D 239 -18.05 -30.46 -2.04
N TYR D 240 -17.95 -30.70 -0.74
CA TYR D 240 -17.69 -32.05 -0.22
C TYR D 240 -18.61 -33.06 -0.94
N ASP D 241 -19.91 -32.76 -1.00
CA ASP D 241 -20.90 -33.66 -1.58
C ASP D 241 -20.72 -33.92 -3.08
N LEU D 242 -20.39 -32.86 -3.84
CA LEU D 242 -20.14 -32.99 -5.28
C LEU D 242 -18.97 -33.94 -5.50
N LEU D 243 -17.88 -33.73 -4.75
CA LEU D 243 -16.67 -34.54 -4.85
C LEU D 243 -16.91 -35.99 -4.48
N LEU D 244 -17.72 -36.20 -3.43
CA LEU D 244 -18.06 -37.55 -2.99
C LEU D 244 -18.82 -38.30 -4.07
N GLU D 245 -19.86 -37.66 -4.63
CA GLU D 245 -20.64 -38.23 -5.73
C GLU D 245 -19.74 -38.53 -6.97
N MET D 246 -18.84 -37.60 -7.31
CA MET D 246 -17.96 -37.80 -8.46
C MET D 246 -17.06 -39.03 -8.26
N LEU D 247 -16.50 -39.17 -7.04
CA LEU D 247 -15.67 -40.31 -6.68
C LEU D 247 -16.45 -41.63 -6.70
N ASP D 248 -17.68 -41.59 -6.18
CA ASP D 248 -18.54 -42.79 -6.14
C ASP D 248 -18.88 -43.23 -7.56
N ALA D 249 -19.24 -42.26 -8.41
CA ALA D 249 -19.61 -42.51 -9.79
C ALA D 249 -18.45 -43.11 -10.56
N HIS D 250 -17.25 -42.55 -10.38
CA HIS D 250 -16.04 -43.15 -10.92
C HIS D 250 -15.89 -44.60 -10.45
C10 7AI E . -1.47 15.10 -18.81
C13 7AI E . -2.98 13.29 -18.59
C15 7AI E . -16.91 8.97 -12.72
C17 7AI E . -15.61 11.21 -11.42
C20 7AI E . -10.23 17.34 -17.66
C21 7AI E . -10.32 14.76 -15.75
C22 7AI E . -11.27 15.31 -14.99
C24 7AI E . -12.61 13.38 -14.85
C26 7AI E . -10.56 13.46 -16.07
C28 7AI E . -5.12 11.22 -16.68
C01 7AI E . -3.85 14.01 -17.87
C02 7AI E . -16.98 10.41 -13.29
N01 7AI E . -9.34 15.51 -16.10
C03 7AI E . -16.77 8.99 -11.18
C04 7AI E . -6.35 14.19 -17.92
C05 7AI E . -15.94 12.60 -13.38
S01 7AI E . -7.92 15.76 -15.16
C06 7AI E . -6.91 13.15 -16.21
C07 7AI E . -6.33 15.32 -16.93
C08 7AI E . -6.68 14.58 -15.62
C09 7AI E . -2.35 15.85 -18.13
C11 7AI E . -1.81 13.80 -19.04
C12 7AI E . -3.49 15.32 -17.69
O01 7AI E . -7.47 13.45 -17.47
N02 7AI E . -15.84 11.23 -12.88
C14 7AI E . -14.62 13.38 -13.44
O02 7AI E . -13.76 12.77 -14.38
C16 7AI E . -5.57 12.51 -16.72
C18 7AI E . -15.54 9.80 -10.80
C19 7AI E . -9.47 16.07 -17.51
O03 7AI E . -0.31 15.64 -19.22
O05 7AI E . -8.45 15.71 -13.79
C23 7AI E . -12.36 14.66 -14.55
C25 7AI E . -11.67 12.80 -15.64
C27 7AI E . -5.06 13.54 -17.44
C29 7AI E . -5.71 10.20 -17.34
C30 7AI E . -5.24 8.95 -17.33
C31 7AI E . -4.12 8.63 -16.63
C32 7AI E . -3.48 9.63 -15.98
C33 7AI E . -3.97 10.89 -16.03
O06 7AI E . -3.63 7.37 -16.62
F01 7AI E . -10.45 17.62 -18.90
F02 7AI E . -9.62 18.37 -17.18
F03 7AI E . -11.33 17.34 -16.98
O04 7AI E . -7.54 17.09 -15.66
C10 7AI F . -15.05 20.69 13.24
C13 7AI F . -13.98 19.14 11.87
C20 7AI F . -11.03 12.34 11.62
C21 7AI F . -13.65 11.62 10.38
C22 7AI F . -13.76 10.42 9.77
C24 7AI F . -15.09 9.48 11.48
C26 7AI F . -14.30 11.69 11.58
C28 7AI F . -17.34 16.32 10.60
C01 7AI F . -15.04 18.28 11.89
N01 7AI F . -12.96 12.54 9.82
C04 7AI F . -13.72 16.33 10.99
S01 7AI F . -13.59 13.62 8.61
C06 7AI F . -15.19 14.94 10.46
C07 7AI F . -13.56 16.30 9.45
C08 7AI F . -14.46 15.09 9.10
C09 7AI F . -16.11 19.89 13.26
C11 7AI F . -13.99 20.32 12.53
C12 7AI F . -16.10 18.70 12.62
O01 7AI F . -14.09 15.02 11.33
O02 7AI F . -15.77 8.38 11.94
C16 7AI F . -15.99 16.22 10.81
C19 7AI F . -11.49 12.70 10.24
O03 7AI F . -15.04 21.87 13.90
O05 7AI F . -12.29 13.89 8.00
C23 7AI F . -14.45 9.40 10.29
C25 7AI F . -14.98 10.66 12.11
C27 7AI F . -15.03 17.09 11.25
C29 7AI F . -17.88 17.42 10.00
C30 7AI F . -19.20 17.56 9.78
C31 7AI F . -20.09 16.62 10.15
C32 7AI F . -19.57 15.51 10.74
C33 7AI F . -18.24 15.38 10.96
O06 7AI F . -21.44 16.76 9.93
F01 7AI F . -11.78 12.78 12.58
F02 7AI F . -10.96 11.04 11.78
F03 7AI F . -9.84 12.84 11.85
O04 7AI F . -14.50 12.63 8.02
CL CL G . -23.63 26.04 21.07
C10 7AI H . 2.52 -14.72 17.86
C13 7AI H . 0.66 -15.58 16.73
C15 7AI H . -13.83 -13.56 11.29
C17 7AI H . -11.89 -15.22 9.96
C20 7AI H . -5.15 -19.59 16.36
C21 7AI H . -5.91 -17.14 14.45
C22 7AI H . -6.59 -17.93 13.60
C24 7AI H . -8.47 -16.50 13.43
C26 7AI H . -6.57 -16.00 14.78
C28 7AI H . -2.11 -12.15 15.63
C01 7AI H . -0.10 -14.45 16.91
C02 7AI H . -13.52 -15.00 11.72
N01 7AI H . -4.75 -17.53 14.85
C03 7AI H . -13.65 -13.41 9.77
C04 7AI H . -2.08 -15.65 16.15
C05 7AI H . -11.84 -16.74 11.83
S01 7AI H . -3.31 -17.25 13.95
C06 7AI H . -3.27 -14.44 15.04
C07 7AI H . -1.49 -15.77 14.72
C08 7AI H . -2.78 -15.54 14.02
C09 7AI H . 1.79 -13.60 18.06
C11 7AI H . 1.92 -15.71 17.18
C12 7AI H . 0.52 -13.48 17.62
O01 7AI H . -3.47 -15.28 16.14
N02 7AI H . -12.15 -15.38 11.39
C14 7AI H . -10.35 -17.08 11.92
O02 7AI H . -9.74 -16.25 12.89
C16 7AI H . -2.17 -13.51 15.69
C18 7AI H . -12.21 -13.80 9.42
C19 7AI H . -4.71 -18.16 16.24
O03 7AI H . 3.80 -14.87 18.29
O05 7AI H . -3.76 -17.66 12.61
C23 7AI H . -7.81 -17.63 13.10
C25 7AI H . -7.80 -15.70 14.30
C27 7AI H . -1.40 -14.36 16.47
C29 7AI H . -3.01 -11.33 16.22
C30 7AI H . -2.93 -10.00 16.16
C31 7AI H . -1.94 -9.37 15.50
C32 7AI H . -1.00 -10.16 14.92
C33 7AI H . -1.09 -11.50 14.99
O06 7AI H . -1.84 -8.02 15.45
F01 7AI H . -6.26 -19.91 15.80
F02 7AI H . -4.31 -20.36 15.77
F03 7AI H . -5.21 -19.96 17.62
O04 7AI H . -2.44 -18.24 14.58
CL CL I . 8.58 -6.87 25.55
C10 7AI J . -7.36 -24.03 -14.77
C13 7AI J . -6.91 -22.34 -13.24
C20 7AI J . -6.07 -15.29 -12.84
C21 7AI J . -8.90 -15.01 -11.72
C22 7AI J . -9.51 -14.04 -10.99
C24 7AI J . -10.87 -13.33 -12.79
C26 7AI J . -9.31 -15.10 -13.00
C28 7AI J . -10.97 -20.73 -12.00
C01 7AI J . -8.17 -21.81 -13.31
N01 7AI J . -7.99 -15.71 -11.11
C04 7AI J . -7.56 -19.56 -12.39
S01 7AI J . -8.31 -16.98 -9.98
C06 7AI J . -9.39 -18.78 -11.73
C07 7AI J . -7.28 -19.44 -10.89
C08 7AI J . -8.55 -18.67 -10.45
C09 7AI J . -8.62 -23.55 -14.85
C11 7AI J . -6.53 -23.40 -13.95
C12 7AI J . -9.00 -22.46 -14.16
O01 7AI J . -8.39 -18.47 -12.68
O02 7AI J . -11.84 -12.47 -13.22
C16 7AI J . -9.69 -20.25 -12.05
C19 7AI J . -6.54 -15.29 -11.43
O03 7AI J . -6.96 -25.09 -15.48
O05 7AI J . -7.11 -16.75 -9.20
C23 7AI J . -10.46 -13.25 -11.50
C25 7AI J . -10.26 -14.31 -13.52
C27 7AI J . -8.54 -20.72 -12.59
C29 7AI J . -11.21 -21.92 -11.42
C30 7AI J . -12.45 -22.44 -11.35
C31 7AI J . -13.52 -21.81 -11.87
C32 7AI J . -13.29 -20.63 -12.46
C33 7AI J . -12.05 -20.10 -12.52
O06 7AI J . -14.76 -22.39 -11.79
F01 7AI J . -4.77 -15.14 -12.97
F02 7AI J . -6.60 -14.32 -13.57
F03 7AI J . -6.35 -16.42 -13.40
O04 7AI J . -9.60 -16.39 -9.60
#